data_8W8B
#
_entry.id   8W8B
#
_cell.length_a   1.00
_cell.length_b   1.00
_cell.length_c   1.00
_cell.angle_alpha   90.00
_cell.angle_beta   90.00
_cell.angle_gamma   90.00
#
_symmetry.space_group_name_H-M   'P 1'
#
loop_
_entity.id
_entity.type
_entity.pdbx_description
1 polymer 'Guanine nucleotide-binding protein G(i) subunit alpha-1'
2 polymer 'Guanine nucleotide-binding protein G(I)/G(S)/G(T) subunit beta-1'
3 polymer 'Antibody fragment scFv16'
4 polymer 'Guanine nucleotide-binding protein G(I)/G(S)/G(O) subunit gamma-2'
5 polymer 'Soluble cytochrome b562,5-hydroxytryptamine receptor 1A'
6 non-polymer CHOLESTEROL
7 non-polymer 'PALMITIC ACID'
8 non-polymer 1-[(7~{S})-5,7-dihydro-4~{H}-thieno[2,3-c]pyran-7-yl]-~{N}-methyl-methanamine
#
loop_
_entity_poly.entity_id
_entity_poly.type
_entity_poly.pdbx_seq_one_letter_code
_entity_poly.pdbx_strand_id
1 'polypeptide(L)'
;MGCTLSAEDKAAVERSKMIDRNLREDGEKAAREVKLLLLGAGESGKNTIVKQMKIIHEAGYSEEECKQYKAVVYSNTIQS
IIAIIRAMGRLKIDFGDSARADDARQLFVLAGAAEEGFMTAELAGVIKRLWKDSGVQACFNRSREYQLNDSAAYYLNDLD
RIAQPNYIPTQQDVLRTRVKTTGIVETHFTFKDLHFKMFDVGAQRSERKKWIHCFEGVTAIIFCVALSDYDLVLAEDEEM
NRMHASMKLFDSICNNKWFTDTSIILFLNKKDLFEEKIKKSPLTICYPEYAGSNTYEEAAAYIQCQFEDLNKRKDTKEIY
THFTCSTDTKNVQFVFDAVTDVIIKNNLKDCGLF
;
A
2 'polypeptide(L)'
;MGSLLQSELDQLRQEAEQLKNQIRDARKACADATLSQITNNIDPVGRIQMRTRRTLRGHLAKIYAMHWGTDSRLLVSASQ
DGKLIIWDSYTTNKVHAIPLRSSWVMTCAYAPSGNYVACGGLDNICSIYNLKTREGNVRVSRELAGHTGYLSCCRFLDDN
QIVTSSGDTTCALWDIETGQQTTTFTGHTGDVMSLSLAPDTRLFVSGACDASAKLWDVREGMCRQTFTGHESDINAICFF
PNGNAFATGSDDATCRLFDLRADQELMTYSHDNIICGITSVSFSKSGRLLLAGYDDFNCNVWDALKADRAGVLAGHDNRV
SCLGVTDDGMAVATGSWDSFLKIWN
;
B
3 'polypeptide(L)'
;DVQLVESGGGLVQPGGSRKLSCSASGFAFSSFGMHWVRQAPEKGLEWVAYISSGSGTIYYADTVKGRFTISRDDPKNTLF
LQMTSLRSEDTAMYYCVRSIYYYGSSPFDFWGQGTTLTVSSGGGGSGGGGSGGGGSDIVMTQATSSVPVTPGESVSISCR
SSKSLLHSNGNTYLYWFLQRPGQSPQLLIYRMSNLASGVPDRFSGSGSGTAFTLTISRLEAEDVGVYYCMQHLEYPLTFG
AGTKLELKAAALEVLFQGPHHHHHHHH
;
E
4 'polypeptide(L)' MASNNTASIAQARKLVEQLKMEANIDRIKVSKAAADLMAYCEAHAKEDPLLTPVPASENPFREKKFFCAIL G
5 'polypeptide(L)'
;DYKDDDDAKLQTMHHHHHHHHHHHHHHHADLEDNWETLNDNLKVIEKADNAAQVKDALTKMRAAALDAQKATPPKLEDKS
PDSPEMKDFRHGFDILVGQIDDALKLANEGKVKEAQAAAEQLKTTRNAYIQKYLASENLYFQGGTTTGISDVTVSYQVIT
SLLLGTLIFCAVLGNACVVAAIALERSLQNVANYLIGSLAVTDLMVSVLVLPMAALYQVLNKWTLGQVTCDLFIALDVLC
CTSSIWHLCAIALDRYWAITDPIDYVNKRTPRRAAALISLTWLIGFLISIPPMLGWRTPEDRSDPDACTISKDHGYTIYS
TFGAFYIPLLLMLVLYGRIFRAARFRIRKTVKKVEKTGADTRHGASPAPQPKKSVNGESGSRNWRLGVESKAGGALCANG
AVRQGDDGAALEVIEVHRVGNSKEHLPLPSEAGPTPCAPASFERKNERNAEAKRKMALARERKTVKTLGIIMGTFILCWL
PFFIVALVLPFCESSCHMPTLLGAIINWLGYSNSLLNPVIYAYFNKDFQNAFKKIIKCKFCRQ
;
R
#
loop_
_chem_comp.id
_chem_comp.type
_chem_comp.name
_chem_comp.formula
CLR non-polymer CHOLESTEROL 'C27 H46 O'
PLM non-polymer 'PALMITIC ACID' 'C16 H32 O2'
UJL non-polymer 1-[(7~{S})-5,7-dihydro-4~{H}-thieno[2,3-c]pyran-7-yl]-~{N}-methyl-methanamine 'C9 H13 N O S'
#
# COMPACT_ATOMS: atom_id res chain seq x y z
N THR A 4 -5.67 -16.79 16.26
CA THR A 4 -6.80 -15.89 16.65
C THR A 4 -7.83 -16.68 17.45
N LEU A 5 -7.36 -17.38 18.48
CA LEU A 5 -8.26 -18.18 19.32
C LEU A 5 -8.08 -17.86 20.81
N SER A 6 -7.43 -16.76 21.15
CA SER A 6 -7.24 -16.36 22.54
C SER A 6 -7.81 -14.96 22.73
N ALA A 7 -7.94 -14.58 24.00
CA ALA A 7 -8.59 -13.31 24.32
C ALA A 7 -7.84 -12.14 23.70
N GLU A 8 -6.51 -12.10 23.87
CA GLU A 8 -5.75 -10.95 23.40
C GLU A 8 -5.12 -11.17 22.02
N ASP A 9 -5.34 -12.34 21.42
CA ASP A 9 -5.00 -12.49 20.00
C ASP A 9 -6.17 -12.09 19.12
N LYS A 10 -7.32 -11.81 19.72
CA LYS A 10 -8.46 -11.30 18.97
C LYS A 10 -8.51 -9.77 19.03
N ALA A 11 -8.10 -9.20 20.17
CA ALA A 11 -7.98 -7.75 20.25
C ALA A 11 -6.91 -7.23 19.30
N ALA A 12 -5.83 -7.99 19.10
CA ALA A 12 -4.84 -7.61 18.10
C ALA A 12 -5.45 -7.59 16.70
N VAL A 13 -6.30 -8.56 16.38
CA VAL A 13 -6.96 -8.56 15.07
C VAL A 13 -7.88 -7.36 14.94
N GLU A 14 -8.60 -7.03 16.02
CA GLU A 14 -9.46 -5.85 15.98
C GLU A 14 -8.64 -4.58 15.75
N ARG A 15 -7.48 -4.48 16.41
CA ARG A 15 -6.59 -3.34 16.21
C ARG A 15 -6.13 -3.28 14.75
N SER A 16 -5.78 -4.43 14.18
CA SER A 16 -5.36 -4.45 12.78
C SER A 16 -6.49 -4.00 11.86
N LYS A 17 -7.72 -4.42 12.15
CA LYS A 17 -8.85 -3.98 11.34
C LYS A 17 -9.06 -2.47 11.44
N MET A 18 -8.92 -1.91 12.65
CA MET A 18 -9.02 -0.47 12.80
C MET A 18 -7.92 0.25 12.02
N ILE A 19 -6.70 -0.28 12.06
CA ILE A 19 -5.60 0.32 11.31
C ILE A 19 -5.89 0.28 9.82
N ASP A 20 -6.42 -0.84 9.34
CA ASP A 20 -6.80 -0.94 7.92
C ASP A 20 -7.86 0.09 7.56
N ARG A 21 -8.85 0.26 8.44
CA ARG A 21 -9.89 1.26 8.22
C ARG A 21 -9.27 2.65 8.07
N ASN A 22 -8.38 3.02 9.00
CA ASN A 22 -7.77 4.34 8.94
C ASN A 22 -6.90 4.49 7.69
N LEU A 23 -6.17 3.45 7.31
CA LEU A 23 -5.35 3.52 6.10
C LEU A 23 -6.21 3.72 4.87
N ARG A 24 -7.33 3.01 4.77
CA ARG A 24 -8.22 3.17 3.63
C ARG A 24 -8.79 4.58 3.59
N GLU A 25 -9.20 5.11 4.75
CA GLU A 25 -9.72 6.47 4.77
C GLU A 25 -8.68 7.48 4.33
N ASP A 26 -7.45 7.35 4.83
CA ASP A 26 -6.38 8.28 4.43
C ASP A 26 -6.09 8.17 2.94
N GLY A 27 -6.07 6.94 2.41
CA GLY A 27 -5.82 6.77 1.00
C GLY A 27 -6.91 7.37 0.13
N GLU A 28 -8.16 7.23 0.55
CA GLU A 28 -9.26 7.89 -0.16
C GLU A 28 -9.09 9.40 -0.11
N LYS A 29 -8.69 9.94 1.05
CA LYS A 29 -8.52 11.37 1.20
C LYS A 29 -7.41 11.89 0.30
N ALA A 30 -6.34 11.12 0.13
CA ALA A 30 -5.19 11.56 -0.65
C ALA A 30 -5.37 11.33 -2.14
N ALA A 31 -6.38 10.56 -2.56
CA ALA A 31 -6.62 10.34 -3.97
C ALA A 31 -7.43 11.46 -4.61
N ARG A 32 -7.99 12.36 -3.79
CA ARG A 32 -8.78 13.47 -4.28
C ARG A 32 -7.96 14.73 -4.48
N GLU A 33 -6.63 14.66 -4.36
CA GLU A 33 -5.75 15.81 -4.44
C GLU A 33 -4.94 15.72 -5.73
N VAL A 34 -5.00 16.77 -6.54
CA VAL A 34 -4.23 16.81 -7.78
C VAL A 34 -2.77 17.07 -7.44
N LYS A 35 -1.89 16.25 -7.96
CA LYS A 35 -0.46 16.32 -7.66
C LYS A 35 0.29 16.82 -8.88
N LEU A 36 1.07 17.89 -8.69
CA LEU A 36 1.82 18.52 -9.77
C LEU A 36 3.29 18.55 -9.40
N LEU A 37 4.15 18.42 -10.40
CA LEU A 37 5.59 18.47 -10.21
C LEU A 37 6.10 19.78 -10.81
N LEU A 38 6.76 20.59 -10.00
CA LEU A 38 7.24 21.90 -10.41
C LEU A 38 8.74 21.80 -10.70
N LEU A 39 9.13 22.19 -11.91
CA LEU A 39 10.51 22.09 -12.35
C LEU A 39 10.94 23.41 -12.96
N GLY A 40 12.25 23.57 -13.13
CA GLY A 40 12.80 24.79 -13.69
C GLY A 40 14.05 25.25 -12.97
N ALA A 41 14.88 26.04 -13.65
CA ALA A 41 16.10 26.53 -13.04
C ALA A 41 15.80 27.51 -11.92
N GLY A 42 16.82 27.78 -11.11
CA GLY A 42 16.62 28.67 -9.96
C GLY A 42 16.18 30.07 -10.37
N GLU A 43 16.77 30.59 -11.45
CA GLU A 43 16.45 31.93 -11.93
C GLU A 43 15.24 31.95 -12.85
N SER A 44 14.57 30.82 -13.04
CA SER A 44 13.44 30.72 -13.96
C SER A 44 12.19 31.44 -13.45
N GLY A 45 12.18 31.90 -12.20
CA GLY A 45 11.01 32.55 -11.65
C GLY A 45 10.07 31.63 -10.89
N LYS A 46 10.51 30.43 -10.51
CA LYS A 46 9.66 29.53 -9.75
C LYS A 46 9.16 30.17 -8.47
N ASN A 47 9.96 31.07 -7.88
CA ASN A 47 9.61 31.65 -6.60
C ASN A 47 8.34 32.49 -6.70
N THR A 48 8.27 33.37 -7.70
CA THR A 48 7.07 34.19 -7.88
C THR A 48 5.87 33.32 -8.21
N ILE A 49 6.07 32.28 -9.02
CA ILE A 49 4.98 31.37 -9.35
C ILE A 49 4.41 30.75 -8.07
N VAL A 50 5.29 30.24 -7.20
CA VAL A 50 4.84 29.63 -5.96
C VAL A 50 4.15 30.65 -5.08
N LYS A 51 4.72 31.87 -5.00
CA LYS A 51 4.13 32.91 -4.16
C LYS A 51 2.72 33.24 -4.60
N GLN A 52 2.50 33.33 -5.91
CA GLN A 52 1.15 33.67 -6.38
C GLN A 52 0.22 32.46 -6.34
N MET A 53 0.76 31.24 -6.37
CA MET A 53 -0.08 30.08 -6.05
C MET A 53 -0.60 30.16 -4.62
N LYS A 54 0.29 30.36 -3.66
CA LYS A 54 -0.13 30.33 -2.26
C LYS A 54 -0.92 31.58 -1.88
N ILE A 55 -0.73 32.67 -2.62
CA ILE A 55 -1.47 33.90 -2.35
C ILE A 55 -2.76 33.92 -3.17
N THR A 182 14.77 20.14 4.28
CA THR A 182 15.21 21.26 3.46
C THR A 182 15.40 20.83 2.01
N GLY A 183 14.80 19.70 1.64
CA GLY A 183 14.88 19.20 0.28
C GLY A 183 13.65 19.56 -0.52
N ILE A 184 12.77 18.58 -0.75
CA ILE A 184 11.54 18.84 -1.46
C ILE A 184 10.71 19.85 -0.68
N VAL A 185 10.03 20.74 -1.42
CA VAL A 185 9.12 21.72 -0.84
C VAL A 185 7.73 21.43 -1.39
N GLU A 186 6.76 21.27 -0.51
CA GLU A 186 5.40 20.92 -0.86
C GLU A 186 4.51 22.13 -0.69
N THR A 187 3.70 22.43 -1.71
CA THR A 187 2.78 23.56 -1.69
C THR A 187 1.37 23.07 -1.95
N HIS A 188 0.45 23.41 -1.05
CA HIS A 188 -0.96 23.08 -1.19
C HIS A 188 -1.75 24.35 -1.49
N PHE A 189 -2.61 24.29 -2.50
CA PHE A 189 -3.49 25.40 -2.81
C PHE A 189 -4.75 24.85 -3.48
N THR A 190 -5.87 25.53 -3.24
CA THR A 190 -7.17 25.12 -3.75
C THR A 190 -7.70 26.20 -4.67
N PHE A 191 -8.16 25.80 -5.85
CA PHE A 191 -8.73 26.71 -6.83
C PHE A 191 -9.98 26.07 -7.43
N LYS A 192 -11.13 26.65 -7.13
CA LYS A 192 -12.41 26.20 -7.68
C LYS A 192 -12.65 24.72 -7.38
N ASP A 193 -12.72 24.42 -6.08
CA ASP A 193 -13.09 23.12 -5.54
C ASP A 193 -12.06 22.03 -5.81
N LEU A 194 -10.91 22.36 -6.38
CA LEU A 194 -9.90 21.38 -6.76
C LEU A 194 -8.65 21.62 -5.92
N HIS A 195 -8.19 20.57 -5.23
CA HIS A 195 -7.01 20.65 -4.37
C HIS A 195 -5.76 20.27 -5.16
N PHE A 196 -4.79 21.18 -5.19
CA PHE A 196 -3.53 20.95 -5.87
C PHE A 196 -2.42 20.77 -4.84
N LYS A 197 -1.53 19.82 -5.11
CA LYS A 197 -0.29 19.65 -4.37
C LYS A 197 0.87 19.79 -5.33
N MET A 198 1.72 20.80 -5.11
CA MET A 198 2.81 21.12 -6.01
C MET A 198 4.13 20.80 -5.31
N PHE A 199 4.95 19.98 -5.95
CA PHE A 199 6.19 19.47 -5.36
C PHE A 199 7.36 20.16 -6.03
N ASP A 200 7.98 21.10 -5.31
CA ASP A 200 9.13 21.84 -5.84
C ASP A 200 10.39 21.04 -5.52
N VAL A 201 10.86 20.27 -6.50
CA VAL A 201 11.98 19.36 -6.27
C VAL A 201 13.32 20.04 -6.53
N GLY A 202 13.33 21.21 -7.15
CA GLY A 202 14.56 21.85 -7.58
C GLY A 202 15.49 22.30 -6.48
N ALA A 203 15.17 22.02 -5.21
CA ALA A 203 16.01 22.48 -4.12
C ALA A 203 17.24 21.62 -3.89
N GLN A 204 17.25 20.39 -4.41
CA GLN A 204 18.32 19.44 -4.14
C GLN A 204 19.13 19.17 -5.40
N ARG A 205 20.46 19.14 -5.24
CA ARG A 205 21.35 18.95 -6.38
C ARG A 205 21.61 17.48 -6.70
N SER A 206 21.08 16.56 -5.89
CA SER A 206 21.37 15.14 -6.07
C SER A 206 20.97 14.68 -7.47
N GLU A 207 21.47 13.50 -7.85
CA GLU A 207 21.24 12.98 -9.19
C GLU A 207 19.75 12.80 -9.44
N ARG A 208 19.28 13.31 -10.58
CA ARG A 208 17.84 13.38 -10.83
C ARG A 208 17.26 12.03 -11.21
N LYS A 209 18.02 11.21 -11.95
CA LYS A 209 17.47 9.95 -12.42
C LYS A 209 17.23 8.96 -11.30
N LYS A 210 17.75 9.23 -10.10
CA LYS A 210 17.67 8.29 -8.98
C LYS A 210 16.48 8.54 -8.08
N TRP A 211 15.73 9.62 -8.30
CA TRP A 211 14.50 9.86 -7.55
C TRP A 211 13.35 10.39 -8.40
N ILE A 212 13.55 10.59 -9.70
CA ILE A 212 12.49 11.17 -10.53
C ILE A 212 11.32 10.20 -10.65
N HIS A 213 11.58 8.89 -10.58
CA HIS A 213 10.50 7.92 -10.67
C HIS A 213 9.52 8.01 -9.51
N CYS A 214 9.91 8.66 -8.41
CA CYS A 214 9.01 8.82 -7.29
C CYS A 214 7.78 9.63 -7.69
N PHE A 215 7.92 10.49 -8.70
CA PHE A 215 6.85 11.37 -9.14
C PHE A 215 6.10 10.83 -10.34
N GLU A 216 6.33 9.57 -10.72
CA GLU A 216 5.48 8.91 -11.70
C GLU A 216 4.04 8.94 -11.22
N GLY A 217 3.13 9.33 -12.10
CA GLY A 217 1.73 9.40 -11.76
C GLY A 217 1.21 10.78 -11.40
N VAL A 218 2.07 11.80 -11.42
CA VAL A 218 1.59 13.16 -11.20
C VAL A 218 0.69 13.55 -12.37
N THR A 219 -0.33 14.37 -12.08
CA THR A 219 -1.28 14.76 -13.11
C THR A 219 -0.59 15.53 -14.23
N ALA A 220 0.28 16.47 -13.87
CA ALA A 220 0.98 17.29 -14.86
C ALA A 220 2.27 17.80 -14.27
N ILE A 221 3.15 18.28 -15.14
CA ILE A 221 4.44 18.85 -14.77
C ILE A 221 4.39 20.32 -15.12
N ILE A 222 4.78 21.17 -14.17
CA ILE A 222 4.87 22.61 -14.39
C ILE A 222 6.33 22.96 -14.60
N PHE A 223 6.64 23.52 -15.75
CA PHE A 223 8.02 23.87 -16.12
C PHE A 223 8.11 25.38 -16.26
N CYS A 224 9.02 25.99 -15.49
CA CYS A 224 9.19 27.43 -15.48
C CYS A 224 10.45 27.81 -16.23
N VAL A 225 10.32 28.77 -17.14
CA VAL A 225 11.43 29.26 -17.94
C VAL A 225 11.39 30.78 -17.95
N ALA A 226 12.56 31.40 -17.84
CA ALA A 226 12.67 32.86 -17.90
C ALA A 226 13.10 33.26 -19.30
N LEU A 227 12.28 34.10 -19.94
CA LEU A 227 12.60 34.55 -21.30
C LEU A 227 13.81 35.47 -21.33
N SER A 228 14.24 35.97 -20.18
CA SER A 228 15.42 36.82 -20.09
C SER A 228 16.71 36.03 -19.89
N ASP A 229 16.70 34.72 -20.14
CA ASP A 229 17.86 33.88 -19.89
C ASP A 229 18.85 33.94 -21.05
N TYR A 230 19.50 35.08 -21.23
CA TYR A 230 20.61 35.24 -22.16
C TYR A 230 21.85 35.78 -21.48
N ASP A 231 22.12 35.35 -20.24
CA ASP A 231 23.17 35.96 -19.45
C ASP A 231 24.40 35.06 -19.33
N LEU A 232 24.21 33.84 -18.86
CA LEU A 232 25.33 32.94 -18.59
C LEU A 232 26.07 32.60 -19.88
N ASN A 241 23.92 29.47 -23.69
CA ASN A 241 23.23 30.40 -22.80
C ASN A 241 22.53 29.63 -21.70
N ARG A 242 21.79 30.34 -20.86
CA ARG A 242 21.03 29.65 -19.82
C ARG A 242 19.78 29.09 -20.45
N MET A 243 19.35 29.66 -21.57
CA MET A 243 18.20 29.13 -22.28
C MET A 243 18.54 27.73 -22.78
N HIS A 244 19.80 27.52 -23.18
CA HIS A 244 20.23 26.20 -23.63
C HIS A 244 20.09 25.17 -22.51
N ALA A 245 20.49 25.55 -21.29
CA ALA A 245 20.36 24.63 -20.15
C ALA A 245 18.90 24.32 -19.87
N SER A 246 18.04 25.34 -19.93
CA SER A 246 16.61 25.12 -19.72
C SER A 246 16.04 24.20 -20.79
N MET A 247 16.46 24.38 -22.04
CA MET A 247 15.98 23.51 -23.12
C MET A 247 16.45 22.08 -22.91
N LYS A 248 17.70 21.89 -22.48
CA LYS A 248 18.19 20.55 -22.21
C LYS A 248 17.40 19.89 -21.07
N LEU A 249 17.11 20.65 -20.01
CA LEU A 249 16.31 20.10 -18.92
C LEU A 249 14.90 19.75 -19.38
N PHE A 250 14.31 20.61 -20.21
CA PHE A 250 12.98 20.34 -20.72
C PHE A 250 12.96 19.08 -21.57
N ASP A 251 13.98 18.91 -22.42
CA ASP A 251 14.07 17.71 -23.24
C ASP A 251 14.25 16.47 -22.37
N SER A 252 15.08 16.58 -21.33
CA SER A 252 15.31 15.44 -20.45
C SER A 252 14.03 15.03 -19.74
N ILE A 253 13.30 16.01 -19.18
CA ILE A 253 12.10 15.68 -18.40
C ILE A 253 10.98 15.21 -19.32
N CYS A 254 10.75 15.91 -20.43
CA CYS A 254 9.58 15.65 -21.25
C CYS A 254 9.62 14.24 -21.84
N ASN A 255 10.78 13.81 -22.33
CA ASN A 255 10.92 12.52 -22.98
C ASN A 255 11.35 11.41 -22.01
N ASN A 256 11.16 11.62 -20.71
CA ASN A 256 11.49 10.59 -19.74
C ASN A 256 10.49 9.44 -19.85
N LYS A 257 10.97 8.22 -19.57
CA LYS A 257 10.10 7.06 -19.71
C LYS A 257 9.01 7.01 -18.66
N TRP A 258 9.20 7.68 -17.51
CA TRP A 258 8.17 7.72 -16.49
C TRP A 258 7.05 8.67 -16.88
N PHE A 259 7.39 9.76 -17.58
CA PHE A 259 6.44 10.80 -17.94
C PHE A 259 5.98 10.68 -19.40
N THR A 260 5.81 9.45 -19.89
CA THR A 260 5.36 9.27 -21.26
C THR A 260 3.97 9.86 -21.48
N ASP A 261 3.08 9.69 -20.51
CA ASP A 261 1.72 10.17 -20.63
C ASP A 261 1.48 11.52 -19.94
N THR A 262 2.39 11.96 -19.10
CA THR A 262 2.19 13.18 -18.32
C THR A 262 2.36 14.40 -19.22
N SER A 263 1.37 15.29 -19.20
CA SER A 263 1.46 16.53 -19.95
C SER A 263 2.28 17.55 -19.16
N ILE A 264 2.66 18.63 -19.85
CA ILE A 264 3.54 19.65 -19.29
C ILE A 264 2.86 21.00 -19.40
N ILE A 265 2.84 21.76 -18.30
CA ILE A 265 2.31 23.11 -18.27
C ILE A 265 3.52 24.03 -18.24
N LEU A 266 3.85 24.60 -19.39
CA LEU A 266 5.07 25.39 -19.56
C LEU A 266 4.78 26.85 -19.27
N PHE A 267 5.55 27.44 -18.37
CA PHE A 267 5.44 28.86 -18.04
C PHE A 267 6.68 29.57 -18.53
N LEU A 268 6.49 30.61 -19.33
CA LEU A 268 7.60 31.42 -19.84
C LEU A 268 7.58 32.75 -19.07
N ASN A 269 8.31 32.78 -17.96
CA ASN A 269 8.20 33.86 -17.00
C ASN A 269 9.04 35.06 -17.42
N LYS A 270 8.90 36.14 -16.66
CA LYS A 270 9.70 37.36 -16.81
C LYS A 270 9.69 37.85 -18.26
N LYS A 271 8.50 38.09 -18.80
CA LYS A 271 8.41 38.58 -20.17
C LYS A 271 8.72 40.07 -20.28
N ASP A 272 8.50 40.83 -19.20
CA ASP A 272 8.79 42.26 -19.22
C ASP A 272 10.30 42.51 -19.35
N LEU A 273 11.10 41.86 -18.51
CA LEU A 273 12.54 42.00 -18.62
C LEU A 273 13.04 41.43 -19.94
N PHE A 274 12.36 40.41 -20.46
CA PHE A 274 12.71 39.90 -21.79
C PHE A 274 12.46 40.96 -22.86
N GLU A 275 11.37 41.73 -22.72
CA GLU A 275 11.08 42.79 -23.67
C GLU A 275 12.08 43.94 -23.56
N GLU A 276 12.57 44.22 -22.36
CA GLU A 276 13.66 45.19 -22.23
C GLU A 276 14.93 44.65 -22.89
N LYS A 277 15.26 43.38 -22.63
CA LYS A 277 16.48 42.78 -23.16
C LYS A 277 16.48 42.77 -24.68
N ILE A 278 15.36 42.33 -25.28
CA ILE A 278 15.32 42.20 -26.74
C ILE A 278 15.55 43.54 -27.41
N LYS A 279 15.01 44.61 -26.83
CA LYS A 279 15.35 45.95 -27.32
C LYS A 279 16.84 46.23 -27.12
N LYS A 280 17.38 45.89 -25.95
CA LYS A 280 18.79 46.13 -25.68
C LYS A 280 19.68 45.24 -26.55
N SER A 281 19.40 43.94 -26.58
CA SER A 281 20.24 42.97 -27.25
C SER A 281 19.40 42.08 -28.15
N PRO A 282 19.94 41.60 -29.27
CA PRO A 282 19.15 40.74 -30.16
C PRO A 282 19.10 39.31 -29.67
N LEU A 283 18.06 38.60 -30.11
CA LEU A 283 17.93 37.19 -29.78
C LEU A 283 19.00 36.34 -30.47
N THR A 284 19.65 36.87 -31.49
CA THR A 284 20.70 36.10 -32.17
C THR A 284 21.81 35.72 -31.21
N ILE A 285 21.96 36.46 -30.11
CA ILE A 285 22.93 36.09 -29.09
C ILE A 285 22.64 34.72 -28.51
N CYS A 286 21.38 34.28 -28.57
CA CYS A 286 20.97 32.97 -28.08
C CYS A 286 20.60 32.01 -29.20
N TYR A 287 19.93 32.51 -30.25
CA TYR A 287 19.53 31.70 -31.40
C TYR A 287 20.10 32.34 -32.65
N PRO A 288 21.32 31.99 -33.06
CA PRO A 288 21.86 32.57 -34.30
C PRO A 288 20.99 32.30 -35.52
N GLU A 289 20.31 31.15 -35.57
CA GLU A 289 19.46 30.83 -36.70
C GLU A 289 18.19 31.67 -36.75
N TYR A 290 17.90 32.44 -35.72
CA TYR A 290 16.69 33.26 -35.71
C TYR A 290 16.80 34.38 -36.72
N ALA A 291 16.07 34.26 -37.83
CA ALA A 291 16.07 35.27 -38.88
C ALA A 291 14.96 36.29 -38.75
N GLY A 292 14.07 36.12 -37.77
CA GLY A 292 12.94 37.03 -37.63
C GLY A 292 13.34 38.36 -37.03
N SER A 293 12.34 39.25 -36.96
CA SER A 293 12.57 40.57 -36.41
C SER A 293 12.73 40.51 -34.89
N ASN A 294 13.35 41.56 -34.34
CA ASN A 294 13.59 41.66 -32.91
C ASN A 294 12.41 42.39 -32.25
N THR A 295 11.32 41.65 -32.09
CA THR A 295 10.11 42.18 -31.47
C THR A 295 9.55 41.14 -30.51
N TYR A 296 8.65 41.58 -29.64
CA TYR A 296 8.10 40.68 -28.63
C TYR A 296 7.42 39.48 -29.28
N GLU A 297 6.51 39.74 -30.22
CA GLU A 297 5.70 38.66 -30.78
C GLU A 297 6.57 37.60 -31.46
N GLU A 298 7.45 38.04 -32.36
CA GLU A 298 8.25 37.09 -33.14
C GLU A 298 9.17 36.28 -32.23
N ALA A 299 9.91 36.97 -31.36
CA ALA A 299 10.86 36.28 -30.50
C ALA A 299 10.15 35.33 -29.53
N ALA A 300 9.04 35.78 -28.94
CA ALA A 300 8.30 34.92 -28.01
C ALA A 300 7.76 33.70 -28.72
N ALA A 301 7.19 33.87 -29.91
CA ALA A 301 6.68 32.74 -30.67
C ALA A 301 7.81 31.79 -31.03
N TYR A 302 8.98 32.33 -31.38
CA TYR A 302 10.12 31.48 -31.69
C TYR A 302 10.53 30.65 -30.50
N ILE A 303 10.59 31.27 -29.32
CA ILE A 303 10.98 30.54 -28.10
C ILE A 303 9.96 29.44 -27.81
N GLN A 304 8.68 29.77 -27.93
CA GLN A 304 7.63 28.78 -27.68
C GLN A 304 7.77 27.60 -28.64
N CYS A 305 8.02 27.89 -29.92
CA CYS A 305 8.15 26.81 -30.90
C CYS A 305 9.38 25.94 -30.62
N GLN A 306 10.50 26.56 -30.22
CA GLN A 306 11.67 25.77 -29.87
C GLN A 306 11.40 24.88 -28.67
N PHE A 307 10.63 25.36 -27.69
CA PHE A 307 10.37 24.51 -26.52
C PHE A 307 9.37 23.40 -26.84
N GLU A 308 8.33 23.71 -27.62
CA GLU A 308 7.34 22.69 -27.94
C GLU A 308 7.82 21.68 -28.98
N ASP A 309 8.94 21.95 -29.66
CA ASP A 309 9.46 21.01 -30.64
C ASP A 309 10.29 19.91 -30.00
N LEU A 310 10.51 19.96 -28.68
CA LEU A 310 11.40 19.01 -28.03
C LEU A 310 10.73 17.70 -27.68
N ASN A 311 9.40 17.65 -27.60
CA ASN A 311 8.70 16.43 -27.21
C ASN A 311 8.59 15.51 -28.41
N LYS A 312 9.10 14.29 -28.27
CA LYS A 312 9.14 13.31 -29.35
C LYS A 312 7.89 12.43 -29.40
N ARG A 313 6.93 12.65 -28.51
CA ARG A 313 5.76 11.81 -28.39
C ARG A 313 4.49 12.66 -28.39
N LYS A 314 4.38 13.55 -29.38
CA LYS A 314 3.21 14.42 -29.47
C LYS A 314 1.91 13.64 -29.54
N ASP A 315 1.95 12.38 -30.01
CA ASP A 315 0.73 11.59 -30.07
C ASP A 315 0.22 11.21 -28.69
N THR A 316 1.08 11.30 -27.67
CA THR A 316 0.73 10.85 -26.32
C THR A 316 0.45 11.99 -25.35
N LYS A 317 1.24 13.06 -25.40
CA LYS A 317 1.12 14.15 -24.44
C LYS A 317 1.01 15.48 -25.17
N GLU A 318 0.63 16.51 -24.42
CA GLU A 318 0.49 17.86 -24.93
C GLU A 318 1.22 18.82 -24.00
N ILE A 319 1.66 19.94 -24.56
CA ILE A 319 2.35 20.99 -23.81
C ILE A 319 1.49 22.24 -23.82
N TYR A 320 1.22 22.78 -22.64
CA TYR A 320 0.43 23.99 -22.49
C TYR A 320 1.39 25.14 -22.16
N THR A 321 1.52 26.08 -23.08
CA THR A 321 2.48 27.16 -22.96
C THR A 321 1.77 28.45 -22.55
N HIS A 322 2.28 29.10 -21.52
CA HIS A 322 1.70 30.34 -21.01
C HIS A 322 2.82 31.34 -20.76
N PHE A 323 2.63 32.56 -21.24
CA PHE A 323 3.57 33.65 -20.97
C PHE A 323 3.09 34.35 -19.71
N THR A 324 3.78 34.09 -18.60
CA THR A 324 3.28 34.46 -17.29
C THR A 324 3.02 35.96 -17.22
N CYS A 325 1.84 36.32 -16.72
CA CYS A 325 1.46 37.71 -16.53
C CYS A 325 1.52 38.09 -15.06
N SER A 326 1.67 39.38 -14.80
CA SER A 326 1.79 39.85 -13.42
C SER A 326 0.56 39.50 -12.60
N THR A 327 -0.63 39.58 -13.20
CA THR A 327 -1.87 39.23 -12.51
C THR A 327 -1.77 37.81 -11.96
N ASP A 328 -1.92 37.66 -10.64
CA ASP A 328 -1.73 36.36 -10.01
C ASP A 328 -2.76 35.35 -10.51
N THR A 329 -4.02 35.79 -10.67
CA THR A 329 -5.09 34.87 -11.02
C THR A 329 -4.82 34.17 -12.35
N LYS A 330 -4.10 34.82 -13.26
CA LYS A 330 -3.90 34.24 -14.58
C LYS A 330 -3.16 32.91 -14.52
N ASN A 331 -2.11 32.84 -13.70
CA ASN A 331 -1.32 31.61 -13.64
C ASN A 331 -2.11 30.46 -13.04
N VAL A 332 -2.82 30.70 -11.93
CA VAL A 332 -3.62 29.65 -11.32
C VAL A 332 -4.74 29.23 -12.25
N GLN A 333 -5.32 30.18 -12.99
CA GLN A 333 -6.36 29.84 -13.95
C GLN A 333 -5.81 28.97 -15.06
N PHE A 334 -4.60 29.28 -15.56
CA PHE A 334 -4.00 28.45 -16.59
C PHE A 334 -3.71 27.05 -16.07
N VAL A 335 -3.21 26.94 -14.84
CA VAL A 335 -2.94 25.62 -14.27
C VAL A 335 -4.25 24.83 -14.16
N PHE A 336 -5.30 25.49 -13.69
CA PHE A 336 -6.59 24.83 -13.55
C PHE A 336 -7.13 24.37 -14.90
N ASP A 337 -7.03 25.22 -15.92
CA ASP A 337 -7.50 24.85 -17.25
C ASP A 337 -6.73 23.67 -17.80
N ALA A 338 -5.39 23.70 -17.66
CA ALA A 338 -4.58 22.61 -18.18
C ALA A 338 -4.90 21.31 -17.48
N VAL A 339 -5.06 21.34 -16.15
CA VAL A 339 -5.35 20.13 -15.41
C VAL A 339 -6.74 19.61 -15.77
N THR A 340 -7.71 20.51 -15.93
CA THR A 340 -9.04 20.08 -16.32
C THR A 340 -9.04 19.42 -17.69
N ASP A 341 -8.32 20.01 -18.64
CA ASP A 341 -8.21 19.39 -19.96
C ASP A 341 -7.53 18.03 -19.88
N VAL A 342 -6.49 17.93 -19.04
CA VAL A 342 -5.80 16.65 -18.87
C VAL A 342 -6.77 15.59 -18.37
N ILE A 343 -7.56 15.93 -17.36
CA ILE A 343 -8.49 14.95 -16.78
C ILE A 343 -9.55 14.56 -17.80
N ILE A 344 -10.11 15.55 -18.50
CA ILE A 344 -11.15 15.27 -19.48
C ILE A 344 -10.62 14.37 -20.58
N LYS A 345 -9.40 14.63 -21.05
CA LYS A 345 -8.85 13.85 -22.15
C LYS A 345 -8.46 12.46 -21.68
N ASN A 346 -8.04 12.32 -20.42
CA ASN A 346 -7.80 10.98 -19.88
C ASN A 346 -9.10 10.17 -19.83
N ASN A 347 -10.19 10.81 -19.39
CA ASN A 347 -11.47 10.12 -19.40
C ASN A 347 -11.90 9.74 -20.82
N LEU A 348 -11.70 10.65 -21.79
CA LEU A 348 -12.04 10.34 -23.17
C LEU A 348 -11.22 9.17 -23.69
N LYS A 349 -9.93 9.11 -23.33
CA LYS A 349 -9.11 7.96 -23.69
C LYS A 349 -9.70 6.68 -23.10
N ASP A 350 -10.09 6.73 -21.82
CA ASP A 350 -10.64 5.55 -21.17
C ASP A 350 -11.90 5.06 -21.88
N CYS A 351 -12.78 5.99 -22.27
CA CYS A 351 -13.98 5.62 -22.99
C CYS A 351 -13.70 5.17 -24.42
N GLY A 352 -12.48 5.34 -24.91
CA GLY A 352 -12.17 5.00 -26.28
C GLY A 352 -12.54 6.06 -27.28
N LEU A 353 -12.64 7.32 -26.86
CA LEU A 353 -13.03 8.42 -27.71
C LEU A 353 -11.89 9.40 -27.99
N PHE A 354 -10.65 8.98 -27.76
CA PHE A 354 -9.50 9.85 -27.98
C PHE A 354 -8.28 9.04 -28.38
N GLN B 18 48.83 7.20 -9.77
CA GLN B 18 49.98 6.25 -9.79
C GLN B 18 49.70 5.03 -8.93
N LEU B 19 49.21 5.26 -7.71
CA LEU B 19 48.92 4.17 -6.79
C LEU B 19 47.83 3.25 -7.32
N LYS B 20 47.04 3.71 -8.30
CA LYS B 20 46.05 2.85 -8.91
C LYS B 20 46.72 1.64 -9.58
N ASN B 21 47.82 1.89 -10.29
CA ASN B 21 48.56 0.79 -10.90
C ASN B 21 49.10 -0.17 -9.86
N GLN B 22 49.60 0.37 -8.74
CA GLN B 22 50.09 -0.49 -7.67
C GLN B 22 48.97 -1.37 -7.11
N ILE B 23 47.80 -0.78 -6.89
CA ILE B 23 46.68 -1.54 -6.35
C ILE B 23 46.25 -2.63 -7.32
N ARG B 24 46.17 -2.29 -8.61
CA ARG B 24 45.80 -3.28 -9.61
C ARG B 24 46.83 -4.42 -9.66
N ASP B 25 48.11 -4.06 -9.60
CA ASP B 25 49.17 -5.07 -9.63
C ASP B 25 49.07 -6.00 -8.43
N ALA B 26 48.85 -5.43 -7.24
CA ALA B 26 48.71 -6.27 -6.05
C ALA B 26 47.49 -7.18 -6.17
N ARG B 27 46.37 -6.64 -6.66
CA ARG B 27 45.17 -7.44 -6.78
C ARG B 27 45.37 -8.59 -7.76
N LYS B 28 46.01 -8.34 -8.90
CA LYS B 28 46.26 -9.41 -9.85
C LYS B 28 47.26 -10.42 -9.29
N ALA B 29 48.22 -9.95 -8.50
CA ALA B 29 49.18 -10.86 -7.88
C ALA B 29 48.48 -11.80 -6.92
N CYS B 30 47.56 -11.29 -6.11
CA CYS B 30 46.86 -12.14 -5.15
C CYS B 30 45.78 -12.99 -5.81
N ALA B 31 45.41 -12.70 -7.05
CA ALA B 31 44.40 -13.47 -7.76
C ALA B 31 45.06 -14.68 -8.42
N ASP B 32 44.82 -15.86 -7.85
CA ASP B 32 45.40 -17.10 -8.36
C ASP B 32 44.31 -18.04 -8.90
N ALA B 33 43.24 -18.25 -8.14
CA ALA B 33 42.15 -19.13 -8.55
C ALA B 33 40.82 -18.46 -8.27
N THR B 34 39.89 -18.62 -9.21
CA THR B 34 38.57 -18.02 -9.06
C THR B 34 37.73 -18.80 -8.06
N LEU B 35 36.72 -18.13 -7.49
CA LEU B 35 35.83 -18.80 -6.56
C LEU B 35 35.09 -19.96 -7.22
N SER B 36 34.77 -19.81 -8.51
CA SER B 36 34.02 -20.86 -9.20
C SER B 36 34.80 -22.17 -9.22
N GLN B 37 36.10 -22.10 -9.52
CA GLN B 37 36.91 -23.31 -9.58
C GLN B 37 36.99 -23.99 -8.23
N ILE B 38 37.23 -23.22 -7.17
CA ILE B 38 37.34 -23.80 -5.83
C ILE B 38 36.02 -24.43 -5.42
N THR B 39 34.90 -23.80 -5.79
CA THR B 39 33.58 -24.28 -5.43
C THR B 39 33.05 -25.36 -6.37
N ASN B 40 33.81 -25.73 -7.40
CA ASN B 40 33.40 -26.82 -8.27
C ASN B 40 33.41 -28.15 -7.54
N ASN B 41 34.07 -28.23 -6.39
CA ASN B 41 34.18 -29.49 -5.64
C ASN B 41 33.00 -29.75 -4.72
N ILE B 42 32.04 -28.83 -4.63
CA ILE B 42 30.91 -28.98 -3.72
C ILE B 42 29.64 -29.13 -4.56
N ASP B 43 28.68 -29.85 -3.99
CA ASP B 43 27.47 -30.20 -4.73
C ASP B 43 26.58 -28.96 -4.90
N PRO B 44 25.73 -28.94 -5.92
CA PRO B 44 24.82 -27.81 -6.11
C PRO B 44 23.68 -27.85 -5.11
N VAL B 45 23.07 -26.67 -4.90
CA VAL B 45 21.95 -26.57 -3.98
C VAL B 45 20.73 -27.30 -4.53
N GLY B 46 20.51 -27.21 -5.84
CA GLY B 46 19.30 -27.75 -6.44
C GLY B 46 18.20 -26.72 -6.49
N ARG B 47 17.03 -27.18 -6.91
CA ARG B 47 15.89 -26.28 -7.04
C ARG B 47 15.47 -25.77 -5.67
N ILE B 48 15.24 -24.47 -5.58
CA ILE B 48 14.78 -23.83 -4.34
C ILE B 48 13.39 -23.29 -4.65
N GLN B 49 12.37 -24.09 -4.33
CA GLN B 49 10.98 -23.73 -4.60
C GLN B 49 10.33 -23.14 -3.35
N MET B 50 10.62 -21.86 -3.13
CA MET B 50 9.95 -21.13 -2.06
C MET B 50 8.57 -20.70 -2.52
N ARG B 51 7.61 -20.78 -1.60
CA ARG B 51 6.22 -20.45 -1.90
C ARG B 51 5.73 -19.38 -0.94
N THR B 52 4.84 -18.53 -1.43
CA THR B 52 4.35 -17.39 -0.66
C THR B 52 3.49 -17.89 0.49
N ARG B 53 4.00 -17.75 1.72
CA ARG B 53 3.23 -18.12 2.90
C ARG B 53 2.30 -17.01 3.36
N ARG B 54 2.74 -15.76 3.29
CA ARG B 54 1.94 -14.62 3.73
C ARG B 54 2.02 -13.53 2.68
N THR B 55 0.91 -12.83 2.48
CA THR B 55 0.85 -11.66 1.63
C THR B 55 0.39 -10.48 2.47
N LEU B 56 1.32 -9.56 2.76
CA LEU B 56 1.03 -8.42 3.62
C LEU B 56 0.55 -7.27 2.74
N ARG B 57 -0.72 -6.93 2.86
CA ARG B 57 -1.35 -5.91 2.04
C ARG B 57 -1.96 -4.83 2.92
N GLY B 58 -2.05 -3.62 2.37
CA GLY B 58 -2.50 -2.48 3.12
C GLY B 58 -1.79 -1.19 2.72
N HIS B 59 -0.63 -1.31 2.07
CA HIS B 59 0.02 -0.16 1.50
C HIS B 59 -0.68 0.25 0.21
N LEU B 60 -0.96 1.54 0.06
CA LEU B 60 -1.69 2.05 -1.08
C LEU B 60 -0.80 2.78 -2.08
N ALA B 61 0.51 2.53 -2.03
CA ALA B 61 1.45 3.12 -2.98
C ALA B 61 2.64 2.19 -3.11
N LYS B 62 3.66 2.66 -3.81
CA LYS B 62 4.84 1.84 -4.06
C LYS B 62 5.66 1.72 -2.78
N ILE B 63 6.03 0.49 -2.43
CA ILE B 63 6.84 0.25 -1.23
C ILE B 63 8.30 0.40 -1.62
N TYR B 64 9.04 1.20 -0.85
CA TYR B 64 10.41 1.54 -1.17
C TYR B 64 11.45 0.91 -0.27
N ALA B 65 11.07 0.49 0.94
CA ALA B 65 12.01 -0.19 1.81
C ALA B 65 11.25 -0.97 2.88
N MET B 66 11.91 -1.97 3.44
CA MET B 66 11.38 -2.74 4.56
C MET B 66 12.54 -3.28 5.37
N HIS B 67 12.28 -3.59 6.64
CA HIS B 67 13.31 -4.13 7.52
C HIS B 67 12.67 -5.10 8.50
N TRP B 68 13.41 -6.15 8.84
CA TRP B 68 12.96 -7.13 9.81
C TRP B 68 13.36 -6.71 11.23
N GLY B 69 12.59 -7.20 12.19
CA GLY B 69 13.00 -7.09 13.58
C GLY B 69 13.92 -8.23 13.97
N THR B 70 14.79 -7.98 14.94
CA THR B 70 15.73 -9.01 15.37
C THR B 70 15.02 -10.23 15.94
N ASP B 71 13.76 -10.10 16.35
CA ASP B 71 12.99 -11.25 16.78
C ASP B 71 12.54 -12.12 15.62
N SER B 72 12.76 -11.68 14.38
CA SER B 72 12.41 -12.43 13.18
C SER B 72 10.91 -12.65 13.04
N ARG B 73 10.11 -11.82 13.72
CA ARG B 73 8.66 -11.88 13.59
C ARG B 73 8.05 -10.56 13.15
N LEU B 74 8.52 -9.45 13.68
CA LEU B 74 8.02 -8.14 13.29
C LEU B 74 8.89 -7.56 12.19
N LEU B 75 8.25 -6.78 11.31
CA LEU B 75 8.96 -6.10 10.23
C LEU B 75 8.27 -4.78 9.95
N VAL B 76 9.04 -3.81 9.49
CA VAL B 76 8.55 -2.47 9.17
C VAL B 76 8.74 -2.23 7.69
N SER B 77 7.73 -1.67 7.04
CA SER B 77 7.79 -1.35 5.62
C SER B 77 7.35 0.09 5.42
N ALA B 78 8.15 0.85 4.68
CA ALA B 78 7.85 2.25 4.40
C ALA B 78 7.46 2.40 2.94
N SER B 79 6.39 3.15 2.69
CA SER B 79 5.89 3.38 1.35
C SER B 79 5.64 4.87 1.16
N GLN B 80 5.44 5.27 -0.10
CA GLN B 80 5.25 6.66 -0.44
C GLN B 80 3.79 7.10 -0.39
N ASP B 81 2.97 6.39 0.38
CA ASP B 81 1.63 6.88 0.71
C ASP B 81 1.61 7.65 2.02
N GLY B 82 2.77 7.94 2.59
CA GLY B 82 2.85 8.67 3.85
C GLY B 82 2.78 7.82 5.09
N LYS B 83 2.86 6.50 4.95
CA LYS B 83 2.77 5.59 6.08
C LYS B 83 3.88 4.55 6.00
N LEU B 84 4.46 4.20 7.15
CA LEU B 84 5.27 3.00 7.29
C LEU B 84 4.63 2.14 8.37
N ILE B 85 4.34 0.88 8.03
CA ILE B 85 3.54 -0.02 8.85
C ILE B 85 4.45 -1.05 9.48
N ILE B 86 4.09 -1.49 10.68
CA ILE B 86 4.79 -2.57 11.39
C ILE B 86 3.87 -3.77 11.41
N TRP B 87 4.32 -4.88 10.83
CA TRP B 87 3.51 -6.07 10.65
C TRP B 87 3.95 -7.15 11.63
N ASP B 88 2.98 -7.96 12.07
CA ASP B 88 3.28 -9.23 12.71
C ASP B 88 3.27 -10.28 11.61
N SER B 89 4.46 -10.60 11.11
CA SER B 89 4.56 -11.42 9.91
C SER B 89 3.87 -12.76 10.07
N TYR B 90 3.86 -13.32 11.28
CA TYR B 90 3.24 -14.62 11.49
C TYR B 90 1.74 -14.58 11.23
N THR B 91 1.05 -13.53 11.70
CA THR B 91 -0.39 -13.42 11.56
C THR B 91 -0.81 -12.32 10.58
N THR B 92 0.13 -11.55 10.04
CA THR B 92 -0.15 -10.46 9.11
C THR B 92 -0.86 -9.29 9.77
N ASN B 93 -0.91 -9.25 11.10
CA ASN B 93 -1.55 -8.13 11.78
C ASN B 93 -0.65 -6.90 11.73
N LYS B 94 -1.28 -5.73 11.68
CA LYS B 94 -0.54 -4.48 11.71
C LYS B 94 -0.40 -4.01 13.15
N VAL B 95 0.82 -4.08 13.68
CA VAL B 95 1.06 -3.63 15.05
C VAL B 95 0.95 -2.12 15.14
N HIS B 96 1.55 -1.40 14.20
CA HIS B 96 1.52 0.06 14.17
C HIS B 96 1.39 0.54 12.74
N ALA B 97 0.87 1.76 12.58
CA ALA B 97 0.83 2.43 11.29
C ALA B 97 1.16 3.90 11.55
N ILE B 98 2.37 4.31 11.21
CA ILE B 98 2.91 5.61 11.60
C ILE B 98 2.76 6.57 10.43
N PRO B 99 2.04 7.68 10.60
CA PRO B 99 1.98 8.68 9.52
C PRO B 99 3.24 9.52 9.48
N LEU B 100 3.63 9.91 8.27
CA LEU B 100 4.89 10.61 8.04
C LEU B 100 4.64 12.06 7.65
N ARG B 101 5.49 12.95 8.16
CA ARG B 101 5.37 14.37 7.80
C ARG B 101 5.73 14.59 6.34
N SER B 102 6.64 13.80 5.79
CA SER B 102 7.00 13.83 4.38
C SER B 102 6.75 12.46 3.79
N SER B 103 5.93 12.40 2.73
CA SER B 103 5.54 11.13 2.16
C SER B 103 6.54 10.59 1.14
N TRP B 104 7.73 11.17 1.06
CA TRP B 104 8.72 10.75 0.07
C TRP B 104 9.75 9.84 0.72
N VAL B 105 9.31 9.05 1.70
CA VAL B 105 10.21 8.14 2.41
C VAL B 105 10.82 7.17 1.41
N MET B 106 12.15 7.10 1.39
CA MET B 106 12.89 6.21 0.52
C MET B 106 13.57 5.07 1.25
N THR B 107 13.53 5.05 2.58
CA THR B 107 14.19 4.01 3.35
C THR B 107 13.52 3.90 4.72
N CYS B 108 13.81 2.79 5.40
CA CYS B 108 13.33 2.58 6.75
C CYS B 108 14.25 1.60 7.44
N ALA B 109 14.21 1.61 8.77
CA ALA B 109 15.08 0.78 9.59
C ALA B 109 14.34 0.35 10.85
N TYR B 110 14.88 -0.68 11.50
CA TYR B 110 14.32 -1.24 12.72
C TYR B 110 15.44 -1.42 13.72
N ALA B 111 15.31 -0.82 14.89
CA ALA B 111 16.39 -0.88 15.87
C ALA B 111 16.63 -2.32 16.31
N PRO B 112 17.88 -2.68 16.60
CA PRO B 112 18.13 -4.06 17.09
C PRO B 112 17.35 -4.39 18.35
N SER B 113 17.14 -3.42 19.23
CA SER B 113 16.35 -3.65 20.43
C SER B 113 14.86 -3.65 20.14
N GLY B 114 14.44 -3.14 18.98
CA GLY B 114 13.04 -3.07 18.65
C GLY B 114 12.31 -1.88 19.23
N ASN B 115 13.01 -0.99 19.94
CA ASN B 115 12.36 0.15 20.55
C ASN B 115 12.07 1.25 19.55
N TYR B 116 12.92 1.43 18.53
CA TYR B 116 12.83 2.55 17.62
C TYR B 116 12.78 2.07 16.19
N VAL B 117 12.25 2.94 15.32
CA VAL B 117 12.37 2.81 13.87
C VAL B 117 12.77 4.16 13.32
N ALA B 118 13.33 4.15 12.11
CA ALA B 118 13.79 5.37 11.46
C ALA B 118 13.41 5.34 9.99
N CYS B 119 13.34 6.51 9.38
CA CYS B 119 13.06 6.62 7.96
C CYS B 119 13.51 7.98 7.45
N GLY B 120 13.63 8.08 6.13
CA GLY B 120 14.02 9.32 5.49
C GLY B 120 13.72 9.24 4.01
N GLY B 121 13.93 10.34 3.32
CA GLY B 121 13.65 10.42 1.90
C GLY B 121 14.11 11.71 1.28
N LEU B 122 13.33 12.19 0.31
CA LEU B 122 13.69 13.40 -0.41
C LEU B 122 13.78 14.62 0.50
N ASP B 123 13.13 14.60 1.66
CA ASP B 123 13.45 15.52 2.73
C ASP B 123 14.76 15.06 3.35
N ASN B 124 15.75 15.95 3.40
CA ASN B 124 17.10 15.53 3.75
C ASN B 124 17.26 15.14 5.21
N ILE B 125 16.17 15.10 5.98
CA ILE B 125 16.25 14.74 7.39
C ILE B 125 15.95 13.25 7.57
N CYS B 126 16.45 12.70 8.68
CA CYS B 126 16.16 11.33 9.09
C CYS B 126 15.35 11.40 10.37
N SER B 127 14.16 10.80 10.36
CA SER B 127 13.24 10.84 11.49
C SER B 127 13.30 9.53 12.25
N ILE B 128 13.41 9.62 13.58
CA ILE B 128 13.50 8.45 14.45
C ILE B 128 12.25 8.43 15.32
N TYR B 129 11.59 7.28 15.37
CA TYR B 129 10.29 7.14 16.03
C TYR B 129 10.44 6.22 17.24
N ASN B 130 9.77 6.59 18.34
CA ASN B 130 9.82 5.81 19.56
C ASN B 130 8.58 4.94 19.66
N LEU B 131 8.76 3.62 19.61
CA LEU B 131 7.65 2.70 19.62
C LEU B 131 7.14 2.38 21.01
N LYS B 132 7.95 2.58 22.04
CA LYS B 132 7.63 2.17 23.41
C LYS B 132 7.23 3.36 24.28
N THR B 133 6.48 4.30 23.72
CA THR B 133 6.14 5.46 24.54
C THR B 133 5.09 5.12 25.57
N ARG B 134 5.25 5.69 26.75
CA ARG B 134 4.31 5.47 27.86
C ARG B 134 2.90 5.95 27.50
N GLU B 135 2.77 6.79 26.49
CA GLU B 135 1.47 7.33 26.10
C GLU B 135 0.72 6.44 25.12
N GLY B 136 1.32 5.33 24.69
CA GLY B 136 0.64 4.37 23.85
C GLY B 136 0.64 4.67 22.36
N ASN B 137 1.34 5.71 21.92
CA ASN B 137 1.40 6.08 20.52
C ASN B 137 2.85 6.32 20.11
N VAL B 138 3.12 6.08 18.83
CA VAL B 138 4.48 6.26 18.32
C VAL B 138 4.75 7.74 18.12
N ARG B 139 5.85 8.23 18.69
CA ARG B 139 6.23 9.62 18.63
C ARG B 139 7.57 9.76 17.93
N VAL B 140 7.80 10.92 17.33
CA VAL B 140 9.07 11.21 16.67
C VAL B 140 10.09 11.51 17.75
N SER B 141 10.99 10.56 18.03
CA SER B 141 12.01 10.77 19.05
C SER B 141 12.91 11.94 18.68
N ARG B 142 13.37 11.99 17.44
CA ARG B 142 14.22 13.08 16.98
C ARG B 142 14.26 13.10 15.47
N GLU B 143 14.48 14.30 14.92
CA GLU B 143 14.69 14.49 13.49
C GLU B 143 16.14 14.90 13.29
N LEU B 144 16.88 14.10 12.52
CA LEU B 144 18.30 14.31 12.29
C LEU B 144 18.49 15.04 10.97
N ALA B 145 18.96 16.28 11.03
CA ALA B 145 19.17 17.12 9.86
C ALA B 145 20.66 17.41 9.71
N GLY B 146 21.07 17.70 8.48
CA GLY B 146 22.47 17.97 8.19
C GLY B 146 22.91 17.45 6.85
N HIS B 147 22.17 16.49 6.28
CA HIS B 147 22.42 16.06 4.92
C HIS B 147 21.84 17.08 3.95
N THR B 148 22.53 17.27 2.82
CA THR B 148 22.10 18.18 1.77
C THR B 148 21.59 17.42 0.54
N GLY B 149 21.15 16.18 0.72
CA GLY B 149 20.60 15.39 -0.36
C GLY B 149 19.67 14.33 0.20
N TYR B 150 18.88 13.73 -0.69
CA TYR B 150 17.91 12.73 -0.27
C TYR B 150 18.60 11.62 0.50
N LEU B 151 17.89 11.06 1.47
CA LEU B 151 18.43 10.00 2.33
C LEU B 151 18.19 8.66 1.64
N SER B 152 19.28 7.93 1.38
CA SER B 152 19.15 6.66 0.65
C SER B 152 19.00 5.48 1.59
N CYS B 153 19.71 5.48 2.72
CA CYS B 153 19.68 4.35 3.63
C CYS B 153 19.97 4.83 5.05
N CYS B 154 19.59 4.00 6.02
CA CYS B 154 19.84 4.26 7.42
C CYS B 154 19.82 2.94 8.17
N ARG B 155 20.73 2.79 9.13
CA ARG B 155 20.87 1.55 9.88
C ARG B 155 21.26 1.86 11.32
N PHE B 156 20.48 1.34 12.27
CA PHE B 156 20.79 1.53 13.67
C PHE B 156 22.03 0.73 14.08
N LEU B 157 22.84 1.33 14.94
CA LEU B 157 23.87 0.58 15.66
C LEU B 157 23.42 0.26 17.08
N ASP B 158 23.00 1.28 17.84
CA ASP B 158 22.40 1.12 19.14
C ASP B 158 21.06 1.84 19.13
N ASP B 159 20.45 1.96 20.31
CA ASP B 159 19.30 2.85 20.45
C ASP B 159 19.69 4.32 20.39
N ASN B 160 21.00 4.61 20.49
CA ASN B 160 21.49 5.98 20.53
C ASN B 160 22.32 6.37 19.31
N GLN B 161 22.75 5.40 18.50
CA GLN B 161 23.58 5.67 17.33
C GLN B 161 22.89 5.15 16.08
N ILE B 162 23.08 5.86 14.98
CA ILE B 162 22.53 5.48 13.68
C ILE B 162 23.45 6.02 12.60
N VAL B 163 23.65 5.23 11.54
CA VAL B 163 24.47 5.61 10.41
C VAL B 163 23.58 5.71 9.19
N THR B 164 23.69 6.83 8.46
CA THR B 164 22.83 7.11 7.33
C THR B 164 23.67 7.52 6.12
N SER B 165 23.09 7.31 4.94
CA SER B 165 23.71 7.69 3.68
C SER B 165 22.68 8.46 2.86
N SER B 166 23.18 9.36 2.00
CA SER B 166 22.29 10.24 1.26
C SER B 166 22.90 10.54 -0.10
N GLY B 167 22.06 11.06 -1.00
CA GLY B 167 22.52 11.58 -2.27
C GLY B 167 23.45 12.76 -2.16
N ASP B 168 23.75 13.20 -0.94
CA ASP B 168 24.75 14.22 -0.68
C ASP B 168 26.13 13.71 -1.06
N THR B 169 26.25 12.41 -1.31
CA THR B 169 27.52 11.75 -1.61
C THR B 169 28.36 11.52 -0.35
N THR B 170 27.73 11.56 0.81
CA THR B 170 28.41 11.31 2.07
C THR B 170 27.51 10.50 3.00
N CYS B 171 28.14 9.74 3.88
CA CYS B 171 27.47 9.05 4.97
C CYS B 171 27.89 9.70 6.29
N ALA B 172 27.03 9.55 7.30
CA ALA B 172 27.29 10.19 8.58
C ALA B 172 26.79 9.31 9.71
N LEU B 173 27.54 9.32 10.81
CA LEU B 173 27.15 8.63 12.04
C LEU B 173 26.59 9.65 13.01
N TRP B 174 25.43 9.36 13.58
CA TRP B 174 24.68 10.32 14.38
C TRP B 174 24.61 9.86 15.83
N ASP B 175 24.65 10.83 16.74
CA ASP B 175 24.36 10.59 18.15
C ASP B 175 22.93 11.04 18.39
N ILE B 176 22.00 10.09 18.44
CA ILE B 176 20.58 10.43 18.43
C ILE B 176 20.23 11.31 19.62
N GLU B 177 20.81 11.03 20.79
CA GLU B 177 20.50 11.82 21.97
C GLU B 177 20.86 13.29 21.74
N THR B 178 22.07 13.55 21.25
CA THR B 178 22.48 14.93 21.00
C THR B 178 21.85 15.45 19.71
N GLY B 179 21.64 14.59 18.73
CA GLY B 179 21.05 14.99 17.47
C GLY B 179 22.02 15.53 16.44
N GLN B 180 23.33 15.44 16.70
CA GLN B 180 24.35 15.93 15.79
C GLN B 180 25.20 14.77 15.30
N GLN B 181 25.74 14.90 14.09
CA GLN B 181 26.52 13.83 13.49
C GLN B 181 27.91 13.84 14.09
N THR B 182 28.24 12.79 14.86
CA THR B 182 29.56 12.70 15.47
C THR B 182 30.64 12.53 14.41
N THR B 183 30.38 11.72 13.39
CA THR B 183 31.34 11.45 12.33
C THR B 183 30.66 11.60 10.99
N THR B 184 31.40 12.14 10.02
CA THR B 184 30.95 12.26 8.64
C THR B 184 31.90 11.48 7.75
N PHE B 185 31.35 10.62 6.89
CA PHE B 185 32.12 9.79 5.98
C PHE B 185 32.04 10.39 4.59
N THR B 186 33.19 10.73 4.03
CA THR B 186 33.28 11.36 2.71
C THR B 186 34.27 10.62 1.85
N GLY B 187 34.11 10.74 0.54
CA GLY B 187 35.00 10.09 -0.40
C GLY B 187 34.28 9.58 -1.64
N HIS B 188 32.97 9.42 -1.55
CA HIS B 188 32.19 9.02 -2.72
C HIS B 188 32.06 10.18 -3.70
N THR B 189 32.11 9.86 -4.99
CA THR B 189 32.00 10.85 -6.05
C THR B 189 30.57 11.04 -6.52
N GLY B 190 29.61 10.30 -5.97
CA GLY B 190 28.23 10.41 -6.40
C GLY B 190 27.31 10.00 -5.27
N ASP B 191 26.02 10.00 -5.58
CA ASP B 191 24.99 9.67 -4.60
C ASP B 191 25.28 8.31 -3.97
N VAL B 192 25.16 8.24 -2.65
CA VAL B 192 25.33 6.98 -1.91
C VAL B 192 23.94 6.36 -1.84
N MET B 193 23.81 5.15 -2.39
CA MET B 193 22.49 4.57 -2.60
C MET B 193 22.16 3.50 -1.57
N SER B 194 23.15 2.86 -0.97
CA SER B 194 22.89 1.76 -0.06
C SER B 194 24.00 1.67 0.97
N LEU B 195 23.73 0.90 2.02
CA LEU B 195 24.61 0.82 3.18
C LEU B 195 24.28 -0.44 3.95
N SER B 196 25.31 -1.04 4.56
CA SER B 196 25.13 -2.28 5.30
C SER B 196 26.11 -2.31 6.46
N LEU B 197 25.61 -2.58 7.67
CA LEU B 197 26.47 -2.68 8.84
C LEU B 197 27.06 -4.09 8.94
N ALA B 198 28.29 -4.16 9.43
CA ALA B 198 28.91 -5.45 9.68
C ALA B 198 28.20 -6.14 10.85
N PRO B 199 28.33 -7.46 10.96
CA PRO B 199 27.65 -8.16 12.07
C PRO B 199 28.00 -7.60 13.43
N ASP B 200 29.24 -7.18 13.64
CA ASP B 200 29.67 -6.59 14.90
C ASP B 200 29.44 -5.09 14.96
N THR B 201 28.94 -4.48 13.88
CA THR B 201 28.64 -3.05 13.83
C THR B 201 29.88 -2.20 14.09
N ARG B 202 31.06 -2.72 13.75
CA ARG B 202 32.29 -1.93 13.82
C ARG B 202 32.73 -1.41 12.47
N LEU B 203 32.22 -2.00 11.38
CA LEU B 203 32.49 -1.54 10.03
C LEU B 203 31.18 -1.56 9.25
N PHE B 204 31.13 -0.76 8.18
CA PHE B 204 30.00 -0.80 7.26
C PHE B 204 30.49 -0.46 5.87
N VAL B 205 29.74 -0.91 4.87
CA VAL B 205 30.04 -0.68 3.47
C VAL B 205 28.91 0.13 2.86
N SER B 206 29.23 0.87 1.80
CA SER B 206 28.26 1.70 1.12
C SER B 206 28.45 1.59 -0.38
N GLY B 207 27.35 1.57 -1.12
CA GLY B 207 27.37 1.59 -2.57
C GLY B 207 26.85 2.92 -3.06
N ALA B 208 27.50 3.48 -4.07
CA ALA B 208 27.20 4.81 -4.57
C ALA B 208 27.06 4.77 -6.09
N CYS B 209 26.51 5.85 -6.62
CA CYS B 209 26.25 5.95 -8.06
C CYS B 209 27.52 6.10 -8.89
N ASP B 210 28.68 6.32 -8.25
CA ASP B 210 29.94 6.33 -8.97
C ASP B 210 30.47 4.94 -9.25
N ALA B 211 29.62 3.91 -9.11
CA ALA B 211 29.99 2.53 -9.44
C ALA B 211 31.16 2.03 -8.60
N SER B 212 31.19 2.40 -7.33
CA SER B 212 32.21 1.93 -6.41
C SER B 212 31.61 1.74 -5.02
N ALA B 213 32.24 0.86 -4.25
CA ALA B 213 31.85 0.60 -2.87
C ALA B 213 33.06 0.79 -1.97
N LYS B 214 32.81 1.35 -0.80
CA LYS B 214 33.87 1.71 0.14
C LYS B 214 33.56 1.13 1.50
N LEU B 215 34.59 0.62 2.18
CA LEU B 215 34.46 0.07 3.52
C LEU B 215 34.95 1.11 4.52
N TRP B 216 34.09 1.46 5.47
CA TRP B 216 34.34 2.55 6.40
C TRP B 216 34.60 2.00 7.79
N ASP B 217 35.52 2.64 8.52
CA ASP B 217 35.73 2.34 9.92
C ASP B 217 34.88 3.28 10.74
N VAL B 218 33.87 2.73 11.44
CA VAL B 218 32.98 3.58 12.22
C VAL B 218 33.74 4.30 13.32
N ARG B 219 34.64 3.60 14.01
CA ARG B 219 35.37 4.20 15.12
C ARG B 219 36.31 5.29 14.62
N GLU B 220 37.14 4.98 13.62
CA GLU B 220 38.10 5.95 13.10
C GLU B 220 37.43 6.99 12.21
N GLY B 221 36.39 6.61 11.48
CA GLY B 221 35.72 7.55 10.61
C GLY B 221 36.40 7.81 9.29
N MET B 222 37.14 6.82 8.76
CA MET B 222 37.81 6.98 7.49
C MET B 222 37.70 5.68 6.70
N CYS B 223 37.82 5.80 5.38
CA CYS B 223 37.62 4.67 4.47
C CYS B 223 38.80 3.71 4.59
N ARG B 224 38.52 2.41 4.55
CA ARG B 224 39.56 1.40 4.58
C ARG B 224 39.91 0.92 3.18
N GLN B 225 38.93 0.51 2.38
CA GLN B 225 39.16 -0.05 1.07
C GLN B 225 38.08 0.44 0.11
N THR B 226 38.41 0.40 -1.18
CA THR B 226 37.47 0.77 -2.24
C THR B 226 37.39 -0.39 -3.23
N PHE B 227 36.16 -0.83 -3.51
CA PHE B 227 35.91 -1.95 -4.42
C PHE B 227 35.22 -1.44 -5.68
N THR B 228 35.79 -1.76 -6.83
CA THR B 228 35.26 -1.36 -8.11
C THR B 228 34.99 -2.59 -8.97
N GLY B 229 34.30 -2.39 -10.08
CA GLY B 229 33.98 -3.47 -10.98
C GLY B 229 32.60 -3.36 -11.60
N HIS B 230 31.70 -2.67 -10.90
CA HIS B 230 30.37 -2.45 -11.46
C HIS B 230 30.43 -1.42 -12.59
N GLU B 231 29.52 -1.55 -13.54
CA GLU B 231 29.43 -0.66 -14.68
C GLU B 231 28.35 0.40 -14.53
N SER B 232 27.63 0.42 -13.41
CA SER B 232 26.56 1.39 -13.21
C SER B 232 26.35 1.60 -11.72
N ASP B 233 25.38 2.44 -11.40
CA ASP B 233 25.10 2.79 -10.01
C ASP B 233 24.78 1.54 -9.20
N ILE B 234 25.37 1.46 -8.01
CA ILE B 234 25.14 0.34 -7.11
C ILE B 234 23.89 0.63 -6.28
N ASN B 235 22.81 -0.10 -6.53
CA ASN B 235 21.55 0.18 -5.86
C ASN B 235 21.47 -0.48 -4.49
N ALA B 236 22.08 -1.66 -4.32
CA ALA B 236 21.93 -2.43 -3.10
C ALA B 236 23.26 -3.03 -2.70
N ILE B 237 23.40 -3.31 -1.40
CA ILE B 237 24.61 -3.88 -0.84
C ILE B 237 24.23 -4.67 0.40
N CYS B 238 24.95 -5.76 0.65
CA CYS B 238 24.65 -6.63 1.78
C CYS B 238 25.92 -7.33 2.25
N PHE B 239 26.04 -7.50 3.56
CA PHE B 239 27.19 -8.18 4.13
C PHE B 239 26.98 -9.69 4.17
N PHE B 240 28.02 -10.43 3.79
CA PHE B 240 27.99 -11.87 3.96
C PHE B 240 27.91 -12.21 5.45
N PRO B 241 27.20 -13.27 5.83
CA PRO B 241 26.91 -13.48 7.25
C PRO B 241 28.14 -13.49 8.14
N ASN B 242 29.26 -14.05 7.69
CA ASN B 242 30.46 -14.09 8.52
C ASN B 242 31.14 -12.73 8.63
N GLY B 243 30.73 -11.74 7.85
CA GLY B 243 31.26 -10.41 7.95
C GLY B 243 32.54 -10.14 7.19
N ASN B 244 33.06 -11.13 6.46
CA ASN B 244 34.29 -10.96 5.69
C ASN B 244 34.03 -10.79 4.20
N ALA B 245 32.78 -10.63 3.79
CA ALA B 245 32.46 -10.42 2.38
C ALA B 245 31.11 -9.71 2.30
N PHE B 246 30.85 -9.12 1.13
CA PHE B 246 29.58 -8.46 0.90
C PHE B 246 29.22 -8.58 -0.58
N ALA B 247 27.94 -8.49 -0.87
CA ALA B 247 27.43 -8.58 -2.24
C ALA B 247 26.74 -7.29 -2.64
N THR B 248 27.07 -6.80 -3.83
CA THR B 248 26.53 -5.56 -4.36
C THR B 248 25.61 -5.85 -5.53
N GLY B 249 24.61 -4.99 -5.70
CA GLY B 249 23.70 -5.11 -6.83
C GLY B 249 23.50 -3.75 -7.48
N SER B 250 23.85 -3.71 -8.76
CA SER B 250 23.82 -2.45 -9.48
C SER B 250 22.91 -2.45 -10.69
N ASP B 251 22.89 -1.34 -11.41
CA ASP B 251 21.97 -1.21 -12.54
C ASP B 251 22.43 -1.96 -13.78
N ASP B 252 23.68 -2.42 -13.82
CA ASP B 252 24.15 -3.17 -14.98
C ASP B 252 23.62 -4.59 -15.01
N ALA B 253 22.65 -4.93 -14.15
CA ALA B 253 21.95 -6.21 -14.17
C ALA B 253 22.79 -7.34 -13.62
N THR B 254 23.80 -7.05 -12.81
CA THR B 254 24.65 -8.07 -12.23
C THR B 254 24.86 -7.79 -10.75
N CYS B 255 24.87 -8.85 -9.95
CA CYS B 255 25.34 -8.80 -8.58
C CYS B 255 26.79 -9.26 -8.54
N ARG B 256 27.51 -8.81 -7.52
CA ARG B 256 28.93 -9.13 -7.40
C ARG B 256 29.25 -9.35 -5.93
N LEU B 257 30.22 -10.23 -5.67
CA LEU B 257 30.64 -10.57 -4.31
C LEU B 257 32.09 -10.15 -4.14
N PHE B 258 32.35 -9.29 -3.16
CA PHE B 258 33.68 -8.79 -2.86
C PHE B 258 34.11 -9.33 -1.51
N ASP B 259 35.42 -9.57 -1.36
CA ASP B 259 35.99 -10.03 -0.10
C ASP B 259 36.86 -8.95 0.47
N LEU B 260 36.62 -8.60 1.75
CA LEU B 260 37.37 -7.52 2.38
C LEU B 260 38.85 -7.88 2.51
N ARG B 261 39.14 -9.09 2.98
CA ARG B 261 40.53 -9.47 3.22
C ARG B 261 41.32 -9.52 1.92
N ALA B 262 40.76 -10.13 0.88
CA ALA B 262 41.45 -10.22 -0.40
C ALA B 262 41.34 -8.93 -1.21
N ASP B 263 40.42 -8.04 -0.85
CA ASP B 263 40.25 -6.77 -1.56
C ASP B 263 40.04 -7.02 -3.05
N GLN B 264 39.12 -7.92 -3.38
CA GLN B 264 38.99 -8.37 -4.75
C GLN B 264 37.56 -8.82 -5.02
N GLU B 265 37.23 -8.93 -6.31
CA GLU B 265 36.01 -9.59 -6.74
C GLU B 265 36.18 -11.10 -6.66
N LEU B 266 35.19 -11.79 -6.09
CA LEU B 266 35.26 -13.24 -6.02
C LEU B 266 34.37 -13.89 -7.08
N MET B 267 33.19 -13.32 -7.33
CA MET B 267 32.25 -13.95 -8.24
C MET B 267 31.13 -12.98 -8.57
N THR B 268 30.70 -12.97 -9.83
CA THR B 268 29.60 -12.15 -10.30
C THR B 268 28.41 -13.04 -10.66
N TYR B 269 27.21 -12.56 -10.37
CA TYR B 269 25.98 -13.32 -10.53
C TYR B 269 25.13 -12.65 -11.60
N SER B 270 25.30 -13.08 -12.85
CA SER B 270 24.60 -12.49 -13.98
C SER B 270 24.15 -13.59 -14.92
N HIS B 271 23.16 -13.25 -15.75
CA HIS B 271 22.64 -14.19 -16.73
C HIS B 271 22.20 -13.41 -17.97
N ASP B 272 22.22 -14.09 -19.11
CA ASP B 272 21.98 -13.40 -20.38
C ASP B 272 20.59 -12.80 -20.46
N ASN B 273 19.56 -13.54 -20.02
CA ASN B 273 18.19 -13.05 -20.11
C ASN B 273 17.83 -12.08 -19.00
N ILE B 274 18.76 -11.73 -18.12
CA ILE B 274 18.55 -10.70 -17.12
C ILE B 274 19.14 -9.41 -17.67
N ILE B 275 18.28 -8.47 -18.02
CA ILE B 275 18.67 -7.23 -18.70
C ILE B 275 18.26 -6.00 -17.90
N CYS B 276 17.83 -6.16 -16.66
CA CYS B 276 17.40 -5.05 -15.82
C CYS B 276 18.25 -5.00 -14.56
N GLY B 277 18.22 -3.85 -13.90
CA GLY B 277 19.07 -3.65 -12.75
C GLY B 277 18.54 -4.32 -11.50
N ILE B 278 19.42 -4.45 -10.51
CA ILE B 278 19.07 -5.05 -9.23
C ILE B 278 18.69 -3.93 -8.27
N THR B 279 17.60 -4.08 -7.54
CA THR B 279 17.27 -3.06 -6.56
C THR B 279 17.60 -3.50 -5.13
N SER B 280 17.65 -4.81 -4.87
CA SER B 280 17.89 -5.29 -3.52
C SER B 280 18.84 -6.46 -3.55
N VAL B 281 19.44 -6.76 -2.41
CA VAL B 281 20.35 -7.89 -2.25
C VAL B 281 20.24 -8.39 -0.82
N SER B 282 20.33 -9.70 -0.64
CA SER B 282 20.28 -10.30 0.68
C SER B 282 20.92 -11.68 0.63
N PHE B 283 21.31 -12.17 1.80
CA PHE B 283 21.90 -13.49 1.95
C PHE B 283 21.04 -14.34 2.86
N SER B 284 21.13 -15.66 2.70
CA SER B 284 20.49 -16.57 3.62
C SER B 284 21.35 -16.73 4.87
N LYS B 285 20.76 -17.33 5.91
CA LYS B 285 21.44 -17.43 7.19
C LYS B 285 22.80 -18.08 7.06
N SER B 286 22.89 -19.18 6.31
CA SER B 286 24.16 -19.86 6.13
C SER B 286 25.04 -19.17 5.10
N GLY B 287 24.48 -18.27 4.30
CA GLY B 287 25.22 -17.61 3.25
C GLY B 287 25.33 -18.39 1.95
N ARG B 288 24.65 -19.54 1.84
CA ARG B 288 24.75 -20.33 0.62
C ARG B 288 23.91 -19.72 -0.50
N LEU B 289 22.80 -19.08 -0.18
CA LEU B 289 21.91 -18.49 -1.17
C LEU B 289 22.06 -16.98 -1.15
N LEU B 290 22.19 -16.39 -2.34
CA LEU B 290 22.15 -14.95 -2.52
C LEU B 290 20.85 -14.59 -3.23
N LEU B 291 20.03 -13.76 -2.61
CA LEU B 291 18.75 -13.35 -3.15
C LEU B 291 18.84 -11.90 -3.58
N ALA B 292 18.28 -11.60 -4.75
CA ALA B 292 18.34 -10.26 -5.32
C ALA B 292 17.03 -9.92 -6.02
N GLY B 293 16.54 -8.72 -5.77
CA GLY B 293 15.35 -8.23 -6.44
C GLY B 293 15.71 -7.51 -7.72
N TYR B 294 14.78 -7.50 -8.67
CA TYR B 294 15.03 -6.97 -10.00
C TYR B 294 13.89 -6.07 -10.43
N ASP B 295 14.18 -5.20 -11.41
CA ASP B 295 13.13 -4.41 -12.04
C ASP B 295 12.22 -5.25 -12.92
N ASP B 296 12.58 -6.51 -13.13
CA ASP B 296 11.76 -7.47 -13.87
C ASP B 296 10.69 -8.05 -12.94
N PHE B 297 10.39 -7.33 -11.85
CA PHE B 297 9.46 -7.78 -10.81
C PHE B 297 9.63 -9.28 -10.52
N ASN B 298 10.89 -9.70 -10.37
CA ASN B 298 11.23 -11.05 -9.94
C ASN B 298 12.41 -10.99 -8.99
N CYS B 299 12.44 -11.94 -8.06
CA CYS B 299 13.60 -12.17 -7.22
C CYS B 299 14.25 -13.48 -7.63
N ASN B 300 15.52 -13.43 -7.97
CA ASN B 300 16.27 -14.60 -8.39
C ASN B 300 17.18 -15.04 -7.25
N VAL B 301 17.00 -16.28 -6.80
CA VAL B 301 17.86 -16.87 -5.78
C VAL B 301 19.08 -17.45 -6.47
N TRP B 302 20.26 -17.12 -5.95
CA TRP B 302 21.52 -17.53 -6.54
C TRP B 302 22.30 -18.40 -5.58
N ASP B 303 22.86 -19.49 -6.10
CA ASP B 303 23.79 -20.30 -5.33
C ASP B 303 25.07 -19.48 -5.16
N ALA B 304 25.25 -18.91 -3.96
CA ALA B 304 26.33 -17.94 -3.76
C ALA B 304 27.70 -18.52 -4.08
N LEU B 305 27.88 -19.84 -3.97
CA LEU B 305 29.20 -20.43 -4.17
C LEU B 305 29.46 -20.79 -5.63
N LYS B 306 28.42 -21.02 -6.43
CA LYS B 306 28.57 -21.45 -7.80
C LYS B 306 27.89 -20.55 -8.81
N ALA B 307 27.23 -19.48 -8.38
CA ALA B 307 26.62 -18.49 -9.27
C ALA B 307 25.42 -19.03 -10.03
N ASP B 308 25.04 -20.28 -9.79
CA ASP B 308 23.86 -20.83 -10.45
C ASP B 308 22.60 -20.24 -9.84
N ARG B 309 21.58 -20.04 -10.68
CA ARG B 309 20.29 -19.56 -10.20
C ARG B 309 19.50 -20.74 -9.65
N ALA B 310 19.33 -20.78 -8.33
CA ALA B 310 18.64 -21.89 -7.70
C ALA B 310 17.13 -21.81 -7.85
N GLY B 311 16.55 -20.60 -7.86
CA GLY B 311 15.11 -20.48 -7.98
C GLY B 311 14.73 -19.06 -8.32
N VAL B 312 13.42 -18.86 -8.50
CA VAL B 312 12.87 -17.55 -8.82
C VAL B 312 11.62 -17.34 -7.98
N LEU B 313 11.56 -16.21 -7.29
CA LEU B 313 10.39 -15.86 -6.47
C LEU B 313 9.48 -14.90 -7.24
N ALA B 314 8.91 -15.40 -8.33
CA ALA B 314 8.07 -14.59 -9.20
C ALA B 314 6.65 -14.51 -8.65
N GLY B 315 6.35 -13.45 -7.90
CA GLY B 315 5.01 -13.26 -7.37
C GLY B 315 4.56 -11.82 -7.36
N HIS B 316 5.41 -10.92 -7.87
CA HIS B 316 5.12 -9.49 -7.86
C HIS B 316 4.83 -9.00 -9.28
N ASP B 317 4.22 -7.81 -9.35
CA ASP B 317 3.72 -7.28 -10.61
C ASP B 317 4.50 -6.08 -11.14
N ASN B 318 4.89 -5.13 -10.28
CA ASN B 318 5.44 -3.86 -10.73
C ASN B 318 6.96 -3.81 -10.64
N ARG B 319 7.52 -4.01 -9.45
CA ARG B 319 8.96 -4.03 -9.29
C ARG B 319 9.29 -4.45 -7.86
N VAL B 320 10.29 -5.31 -7.69
CA VAL B 320 10.76 -5.65 -6.35
C VAL B 320 11.78 -4.61 -5.92
N SER B 321 11.42 -3.81 -4.91
CA SER B 321 12.26 -2.71 -4.46
C SER B 321 12.97 -2.97 -3.14
N CYS B 322 12.60 -4.03 -2.42
CA CYS B 322 13.21 -4.31 -1.13
C CYS B 322 12.95 -5.76 -0.76
N LEU B 323 13.96 -6.40 -0.17
CA LEU B 323 13.80 -7.75 0.33
C LEU B 323 14.81 -7.98 1.44
N GLY B 324 14.45 -8.86 2.39
CA GLY B 324 15.31 -9.16 3.51
C GLY B 324 15.01 -10.52 4.11
N VAL B 325 16.03 -11.15 4.69
CA VAL B 325 15.91 -12.48 5.28
C VAL B 325 15.96 -12.35 6.79
N THR B 326 15.07 -13.08 7.47
CA THR B 326 15.00 -12.99 8.93
C THR B 326 16.31 -13.45 9.57
N ASP B 327 16.58 -12.91 10.76
CA ASP B 327 17.75 -13.36 11.51
C ASP B 327 17.65 -14.85 11.82
N ASP B 328 16.44 -15.36 11.99
CA ASP B 328 16.24 -16.80 12.18
C ASP B 328 16.53 -17.59 10.91
N GLY B 329 16.57 -16.94 9.76
CA GLY B 329 16.69 -17.63 8.49
C GLY B 329 15.42 -18.29 8.02
N MET B 330 14.30 -18.08 8.71
CA MET B 330 13.09 -18.83 8.42
C MET B 330 12.43 -18.41 7.12
N ALA B 331 12.38 -17.11 6.83
CA ALA B 331 11.62 -16.61 5.70
C ALA B 331 12.33 -15.42 5.08
N VAL B 332 11.92 -15.10 3.85
CA VAL B 332 12.39 -13.91 3.14
C VAL B 332 11.16 -13.12 2.70
N ALA B 333 11.13 -11.84 3.05
CA ALA B 333 10.07 -10.94 2.64
C ALA B 333 10.55 -10.10 1.46
N THR B 334 9.63 -9.77 0.56
CA THR B 334 9.94 -9.01 -0.64
C THR B 334 8.85 -7.96 -0.86
N GLY B 335 9.17 -6.70 -0.55
CA GLY B 335 8.29 -5.63 -0.92
C GLY B 335 8.45 -5.25 -2.37
N SER B 336 7.49 -4.49 -2.89
CA SER B 336 7.51 -4.16 -4.31
C SER B 336 6.73 -2.88 -4.56
N TRP B 337 6.95 -2.31 -5.74
CA TRP B 337 6.13 -1.19 -6.19
C TRP B 337 4.69 -1.62 -6.42
N ASP B 338 4.44 -2.93 -6.45
CA ASP B 338 3.10 -3.50 -6.48
C ASP B 338 2.30 -3.13 -5.24
N SER B 339 2.97 -2.69 -4.17
CA SER B 339 2.34 -2.30 -2.91
C SER B 339 1.98 -3.49 -2.03
N PHE B 340 2.57 -4.65 -2.29
CA PHE B 340 2.37 -5.84 -1.47
C PHE B 340 3.73 -6.41 -1.06
N LEU B 341 3.76 -7.03 0.10
CA LEU B 341 4.92 -7.77 0.58
C LEU B 341 4.56 -9.24 0.67
N LYS B 342 5.38 -10.09 0.06
CA LYS B 342 5.19 -11.53 0.07
C LYS B 342 6.26 -12.16 0.95
N ILE B 343 5.85 -13.08 1.82
CA ILE B 343 6.77 -13.80 2.68
C ILE B 343 6.93 -15.20 2.12
N TRP B 344 8.16 -15.56 1.75
CA TRP B 344 8.46 -16.82 1.09
C TRP B 344 9.22 -17.72 2.06
N ASN B 345 8.94 -19.02 1.98
CA ASN B 345 9.59 -19.98 2.86
C ASN B 345 9.55 -21.39 2.27
N GLN C 3 -2.39 9.42 33.46
CA GLN C 3 -3.08 9.14 34.75
C GLN C 3 -4.59 8.98 34.54
N LEU C 4 -5.21 8.10 35.32
CA LEU C 4 -6.65 7.86 35.28
C LEU C 4 -7.25 8.27 36.61
N VAL C 5 -8.30 9.08 36.54
CA VAL C 5 -9.00 9.56 37.74
C VAL C 5 -10.46 9.13 37.61
N GLU C 6 -10.96 8.44 38.62
CA GLU C 6 -12.32 7.93 38.64
C GLU C 6 -13.18 8.73 39.62
N SER C 7 -14.46 8.87 39.28
CA SER C 7 -15.41 9.55 40.14
C SER C 7 -16.79 8.96 39.91
N GLY C 8 -17.66 9.10 40.90
CA GLY C 8 -19.02 8.63 40.82
C GLY C 8 -19.45 7.71 41.95
N GLY C 9 -18.57 7.33 42.87
CA GLY C 9 -18.94 6.46 43.95
C GLY C 9 -19.59 7.21 45.12
N GLY C 10 -20.04 6.44 46.09
CA GLY C 10 -20.66 6.99 47.27
C GLY C 10 -21.79 6.10 47.75
N LEU C 11 -22.57 6.63 48.70
CA LEU C 11 -23.69 5.89 49.24
C LEU C 11 -24.76 5.69 48.18
N VAL C 12 -25.31 4.48 48.11
CA VAL C 12 -26.38 4.15 47.18
C VAL C 12 -27.38 3.26 47.91
N GLN C 13 -28.67 3.52 47.69
CA GLN C 13 -29.69 2.64 48.23
C GLN C 13 -29.81 1.40 47.35
N PRO C 14 -30.20 0.26 47.91
CA PRO C 14 -30.36 -0.94 47.07
C PRO C 14 -31.41 -0.72 46.00
N GLY C 15 -31.17 -1.30 44.83
CA GLY C 15 -32.09 -1.16 43.71
C GLY C 15 -31.96 0.13 42.95
N GLY C 16 -30.99 0.98 43.27
CA GLY C 16 -30.80 2.24 42.60
C GLY C 16 -29.93 2.12 41.37
N SER C 17 -29.34 3.25 40.99
CA SER C 17 -28.45 3.29 39.84
C SER C 17 -27.38 4.34 40.06
N ARG C 18 -26.26 4.19 39.36
CA ARG C 18 -25.14 5.12 39.47
C ARG C 18 -24.27 4.98 38.23
N LYS C 19 -23.74 6.11 37.76
CA LYS C 19 -22.83 6.14 36.62
C LYS C 19 -21.43 6.44 37.12
N LEU C 20 -20.53 5.48 36.96
CA LEU C 20 -19.13 5.69 37.28
C LEU C 20 -18.39 6.17 36.04
N SER C 21 -17.53 7.17 36.22
CA SER C 21 -16.80 7.77 35.13
C SER C 21 -15.32 7.82 35.47
N CYS C 22 -14.48 7.75 34.44
CA CYS C 22 -13.03 7.79 34.59
C CYS C 22 -12.48 8.80 33.59
N SER C 23 -11.89 9.87 34.08
CA SER C 23 -11.28 10.88 33.23
C SER C 23 -9.83 10.48 32.96
N ALA C 24 -9.53 10.14 31.70
CA ALA C 24 -8.21 9.66 31.32
C ALA C 24 -7.42 10.79 30.69
N SER C 25 -6.23 11.06 31.24
CA SER C 25 -5.37 12.11 30.74
C SER C 25 -3.92 11.61 30.73
N GLY C 26 -3.15 12.09 29.77
CA GLY C 26 -1.75 11.75 29.68
C GLY C 26 -1.40 10.64 28.72
N PHE C 27 -2.37 10.11 27.97
CA PHE C 27 -2.10 9.05 27.02
C PHE C 27 -3.21 9.03 25.98
N ALA C 28 -2.98 8.23 24.92
CA ALA C 28 -3.91 8.13 23.79
C ALA C 28 -5.07 7.22 24.18
N PHE C 29 -6.06 7.80 24.86
CA PHE C 29 -7.20 7.03 25.35
C PHE C 29 -7.89 6.26 24.23
N SER C 30 -7.89 6.81 23.02
CA SER C 30 -8.63 6.19 21.93
C SER C 30 -8.01 4.85 21.52
N SER C 31 -6.72 4.65 21.80
CA SER C 31 -6.03 3.44 21.37
C SER C 31 -6.10 2.31 22.39
N PHE C 32 -6.47 2.60 23.63
CA PHE C 32 -6.44 1.62 24.70
C PHE C 32 -7.82 1.03 24.93
N GLY C 33 -7.86 -0.30 25.06
CA GLY C 33 -9.04 -0.95 25.60
C GLY C 33 -9.08 -0.78 27.11
N MET C 34 -10.28 -0.55 27.63
CA MET C 34 -10.46 -0.18 29.03
C MET C 34 -11.27 -1.23 29.75
N HIS C 35 -10.87 -1.52 30.99
CA HIS C 35 -11.56 -2.48 31.84
C HIS C 35 -12.04 -1.78 33.10
N TRP C 36 -13.06 -2.37 33.73
CA TRP C 36 -13.46 -2.01 35.08
C TRP C 36 -13.21 -3.21 35.98
N VAL C 37 -12.41 -3.00 37.03
CA VAL C 37 -12.08 -4.04 38.00
C VAL C 37 -12.48 -3.53 39.37
N ARG C 38 -13.20 -4.36 40.13
CA ARG C 38 -13.68 -3.96 41.43
C ARG C 38 -13.04 -4.84 42.50
N GLN C 39 -13.20 -4.41 43.75
CA GLN C 39 -12.59 -5.10 44.88
C GLN C 39 -13.42 -4.82 46.11
N ALA C 40 -14.13 -5.85 46.60
CA ALA C 40 -14.89 -5.70 47.82
C ALA C 40 -13.99 -5.14 48.92
N PRO C 41 -14.57 -4.55 49.97
CA PRO C 41 -13.73 -3.82 50.94
C PRO C 41 -12.59 -4.64 51.52
N GLU C 42 -12.80 -5.94 51.77
CA GLU C 42 -11.77 -6.78 52.38
C GLU C 42 -11.46 -8.03 51.56
N LYS C 43 -12.00 -8.13 50.35
CA LYS C 43 -11.79 -9.30 49.49
C LYS C 43 -10.89 -8.92 48.32
N GLY C 44 -10.71 -9.87 47.40
CA GLY C 44 -9.82 -9.68 46.28
C GLY C 44 -10.48 -9.01 45.10
N LEU C 45 -9.73 -8.98 43.99
CA LEU C 45 -10.17 -8.26 42.81
C LEU C 45 -11.18 -9.09 42.01
N GLU C 46 -12.07 -8.40 41.31
CA GLU C 46 -13.09 -9.02 40.47
C GLU C 46 -13.27 -8.20 39.20
N TRP C 47 -13.00 -8.82 38.05
CA TRP C 47 -13.16 -8.14 36.78
C TRP C 47 -14.65 -7.92 36.49
N VAL C 48 -14.97 -6.75 35.95
CA VAL C 48 -16.35 -6.32 35.76
C VAL C 48 -16.74 -6.27 34.28
N ALA C 49 -16.03 -5.47 33.49
CA ALA C 49 -16.40 -5.29 32.10
C ALA C 49 -15.19 -4.82 31.30
N TYR C 50 -15.31 -4.95 29.99
CA TYR C 50 -14.25 -4.59 29.05
C TYR C 50 -14.86 -3.95 27.82
N ILE C 51 -14.26 -2.86 27.35
CA ILE C 51 -14.64 -2.21 26.10
C ILE C 51 -13.37 -1.95 25.30
N SER C 52 -13.35 -2.40 24.05
CA SER C 52 -12.13 -2.34 23.25
C SER C 52 -11.94 -0.94 22.68
N SER C 53 -10.86 -0.79 21.92
CA SER C 53 -10.62 0.46 21.20
C SER C 53 -11.61 0.57 20.05
N GLY C 54 -12.28 1.71 19.96
CA GLY C 54 -13.33 1.88 18.97
C GLY C 54 -14.65 1.25 19.38
N SER C 55 -14.74 0.73 20.60
CA SER C 55 -15.97 0.19 21.17
C SER C 55 -16.54 -0.96 20.34
N GLY C 56 -15.72 -1.66 19.57
CA GLY C 56 -16.21 -2.74 18.75
C GLY C 56 -16.54 -4.01 19.51
N THR C 57 -15.95 -4.20 20.69
CA THR C 57 -16.15 -5.40 21.48
C THR C 57 -16.38 -5.01 22.93
N ILE C 58 -17.42 -5.58 23.54
CA ILE C 58 -17.74 -5.35 24.94
C ILE C 58 -18.02 -6.68 25.61
N TYR C 59 -17.47 -6.87 26.80
CA TYR C 59 -17.67 -8.08 27.60
C TYR C 59 -18.08 -7.68 29.00
N TYR C 60 -18.82 -8.57 29.67
CA TYR C 60 -19.32 -8.31 31.01
C TYR C 60 -19.12 -9.54 31.87
N ALA C 61 -18.99 -9.31 33.17
CA ALA C 61 -19.00 -10.42 34.11
C ALA C 61 -20.39 -11.02 34.19
N ASP C 62 -20.44 -12.34 34.41
CA ASP C 62 -21.73 -13.01 34.48
C ASP C 62 -22.60 -12.44 35.60
N THR C 63 -21.97 -11.87 36.62
CA THR C 63 -22.70 -11.32 37.75
C THR C 63 -23.11 -9.87 37.58
N VAL C 64 -22.81 -9.25 36.43
CA VAL C 64 -23.17 -7.86 36.19
C VAL C 64 -23.87 -7.71 34.85
N LYS C 65 -23.79 -8.74 34.01
CA LYS C 65 -24.35 -8.65 32.66
C LYS C 65 -25.82 -8.30 32.73
N GLY C 66 -26.23 -7.33 31.91
CA GLY C 66 -27.58 -6.83 31.89
C GLY C 66 -27.83 -5.66 32.83
N ARG C 67 -27.13 -5.63 33.97
CA ARG C 67 -27.25 -4.52 34.92
C ARG C 67 -26.22 -3.43 34.67
N PHE C 68 -25.01 -3.80 34.28
CA PHE C 68 -23.92 -2.86 34.07
C PHE C 68 -23.75 -2.60 32.59
N THR C 69 -23.50 -1.34 32.24
CA THR C 69 -23.25 -0.93 30.86
C THR C 69 -21.97 -0.11 30.82
N ILE C 70 -21.10 -0.41 29.86
CA ILE C 70 -19.82 0.27 29.70
C ILE C 70 -19.80 1.00 28.36
N SER C 71 -19.28 2.22 28.37
CA SER C 71 -19.22 3.04 27.18
C SER C 71 -18.01 3.96 27.25
N ARG C 72 -17.65 4.53 26.09
CA ARG C 72 -16.51 5.42 25.97
C ARG C 72 -16.94 6.76 25.40
N ASP C 73 -16.16 7.79 25.72
CA ASP C 73 -16.25 9.10 25.07
C ASP C 73 -14.84 9.47 24.65
N ASP C 74 -14.44 9.00 23.47
CA ASP C 74 -13.07 9.22 23.00
C ASP C 74 -12.72 10.70 22.85
N PRO C 75 -13.55 11.55 22.25
CA PRO C 75 -13.19 12.97 22.16
C PRO C 75 -12.91 13.61 23.51
N LYS C 76 -13.65 13.24 24.55
CA LYS C 76 -13.46 13.76 25.89
C LYS C 76 -12.57 12.88 26.75
N ASN C 77 -12.10 11.75 26.22
CA ASN C 77 -11.23 10.84 26.96
C ASN C 77 -11.84 10.48 28.32
N THR C 78 -13.08 10.02 28.29
CA THR C 78 -13.80 9.65 29.50
C THR C 78 -14.45 8.29 29.29
N LEU C 79 -14.29 7.40 30.27
CA LEU C 79 -14.91 6.08 30.25
C LEU C 79 -16.00 6.02 31.30
N PHE C 80 -17.14 5.42 30.95
CA PHE C 80 -18.31 5.40 31.80
C PHE C 80 -18.72 3.97 32.11
N LEU C 81 -19.40 3.78 33.24
CA LEU C 81 -20.01 2.52 33.62
C LEU C 81 -21.38 2.82 34.20
N GLN C 82 -22.43 2.46 33.46
CA GLN C 82 -23.78 2.61 33.96
C GLN C 82 -24.18 1.37 34.77
N MET C 83 -24.53 1.59 36.04
CA MET C 83 -24.87 0.51 36.96
C MET C 83 -26.32 0.68 37.38
N THR C 84 -27.11 -0.39 37.22
CA THR C 84 -28.54 -0.35 37.50
C THR C 84 -28.93 -1.52 38.40
N SER C 85 -30.01 -1.31 39.18
CA SER C 85 -30.51 -2.32 40.10
C SER C 85 -29.40 -2.82 41.02
N LEU C 86 -28.63 -1.87 41.57
CA LEU C 86 -27.49 -2.21 42.40
C LEU C 86 -27.91 -3.02 43.62
N ARG C 87 -27.21 -4.14 43.84
CA ARG C 87 -27.43 -4.98 45.01
C ARG C 87 -26.46 -4.61 46.11
N SER C 88 -26.59 -5.29 47.26
CA SER C 88 -25.66 -5.08 48.36
C SER C 88 -24.28 -5.61 48.01
N GLU C 89 -24.22 -6.70 47.24
CA GLU C 89 -22.95 -7.30 46.86
C GLU C 89 -22.16 -6.45 45.86
N ASP C 90 -22.78 -5.42 45.27
CA ASP C 90 -22.08 -4.52 44.37
C ASP C 90 -21.15 -3.56 45.12
N THR C 91 -21.31 -3.42 46.43
CA THR C 91 -20.42 -2.59 47.22
C THR C 91 -18.97 -3.01 47.03
N ALA C 92 -18.16 -2.13 46.45
CA ALA C 92 -16.77 -2.45 46.20
C ALA C 92 -16.06 -1.22 45.65
N MET C 93 -14.76 -1.16 45.87
CA MET C 93 -13.93 -0.16 45.20
C MET C 93 -13.81 -0.53 43.73
N TYR C 94 -14.05 0.44 42.85
CA TYR C 94 -14.03 0.22 41.40
C TYR C 94 -12.82 0.91 40.80
N TYR C 95 -12.00 0.15 40.09
CA TYR C 95 -10.83 0.66 39.40
C TYR C 95 -11.07 0.65 37.90
N CYS C 96 -10.41 1.55 37.19
CA CYS C 96 -10.39 1.55 35.74
C CYS C 96 -8.97 1.23 35.29
N VAL C 97 -8.83 0.22 34.44
CA VAL C 97 -7.55 -0.39 34.13
C VAL C 97 -7.25 -0.19 32.66
N ARG C 98 -6.10 0.39 32.36
CA ARG C 98 -5.63 0.58 30.99
C ARG C 98 -5.21 -0.76 30.39
N SER C 99 -5.46 -0.94 29.10
CA SER C 99 -5.15 -2.21 28.44
C SER C 99 -5.08 -1.99 26.93
N ILE C 100 -3.93 -2.29 26.33
CA ILE C 100 -3.74 -2.21 24.89
C ILE C 100 -3.20 -3.55 24.39
N TYR C 101 -3.81 -4.06 23.33
CA TYR C 101 -3.48 -5.38 22.80
C TYR C 101 -2.85 -5.26 21.42
N TYR C 102 -1.57 -5.61 21.34
CA TYR C 102 -0.88 -5.84 20.09
C TYR C 102 0.33 -6.69 20.42
N TYR C 103 0.94 -7.28 19.39
CA TYR C 103 2.04 -8.22 19.64
C TYR C 103 3.10 -7.56 20.52
N GLY C 104 3.28 -8.11 21.72
CA GLY C 104 4.30 -7.64 22.63
C GLY C 104 3.85 -6.58 23.61
N SER C 105 2.58 -6.19 23.59
CA SER C 105 2.10 -5.18 24.52
C SER C 105 1.96 -5.76 25.92
N SER C 106 1.70 -4.88 26.88
CA SER C 106 1.54 -5.25 28.28
C SER C 106 0.19 -4.77 28.79
N PRO C 107 -0.88 -5.54 28.60
CA PRO C 107 -2.19 -5.13 29.11
C PRO C 107 -2.20 -4.95 30.62
N PHE C 108 -3.16 -4.16 31.12
CA PHE C 108 -3.35 -3.94 32.56
C PHE C 108 -2.17 -3.23 33.19
N ASP C 109 -1.38 -2.50 32.40
CA ASP C 109 -0.16 -1.90 32.92
C ASP C 109 -0.46 -0.80 33.93
N PHE C 110 -1.40 0.09 33.62
CA PHE C 110 -1.69 1.23 34.48
C PHE C 110 -3.11 1.11 35.03
N TRP C 111 -3.24 1.26 36.34
CA TRP C 111 -4.52 1.19 37.03
C TRP C 111 -4.86 2.55 37.62
N GLY C 112 -6.14 2.88 37.66
CA GLY C 112 -6.58 4.10 38.28
C GLY C 112 -6.54 4.03 39.79
N GLN C 113 -6.87 5.15 40.42
CA GLN C 113 -6.85 5.22 41.88
C GLN C 113 -8.11 4.64 42.51
N GLY C 114 -9.16 4.45 41.74
CA GLY C 114 -10.36 3.82 42.23
C GLY C 114 -11.34 4.80 42.85
N THR C 115 -12.59 4.34 42.98
CA THR C 115 -13.64 5.11 43.61
C THR C 115 -14.57 4.15 44.35
N THR C 116 -14.83 4.44 45.62
CA THR C 116 -15.57 3.50 46.47
C THR C 116 -17.06 3.65 46.24
N LEU C 117 -17.73 2.52 45.99
CA LEU C 117 -19.18 2.44 45.94
C LEU C 117 -19.66 1.66 47.15
N THR C 118 -20.71 2.14 47.80
CA THR C 118 -21.27 1.51 48.99
C THR C 118 -22.79 1.43 48.85
N VAL C 119 -23.29 0.25 48.52
CA VAL C 119 -24.73 0.01 48.46
C VAL C 119 -25.15 -0.38 49.87
N SER C 120 -25.61 0.61 50.63
CA SER C 120 -25.89 0.41 52.05
C SER C 120 -27.01 -0.61 52.23
N ASP C 137 -15.41 -20.93 33.44
CA ASP C 137 -14.51 -20.02 34.13
C ASP C 137 -13.30 -20.77 34.67
N ILE C 138 -12.11 -20.22 34.42
CA ILE C 138 -10.87 -20.81 34.92
C ILE C 138 -10.69 -20.41 36.37
N VAL C 139 -10.98 -21.32 37.30
CA VAL C 139 -10.78 -21.04 38.71
C VAL C 139 -9.30 -21.06 39.02
N MET C 140 -8.82 -20.03 39.71
CA MET C 140 -7.41 -19.90 40.06
C MET C 140 -7.28 -19.71 41.56
N THR C 141 -6.45 -20.56 42.18
CA THR C 141 -6.30 -20.59 43.62
C THR C 141 -4.85 -20.28 43.99
N GLN C 142 -4.68 -19.45 45.01
CA GLN C 142 -3.37 -19.13 45.56
C GLN C 142 -3.19 -19.84 46.88
N ALA C 143 -2.08 -20.55 47.02
CA ALA C 143 -1.92 -21.50 48.13
C ALA C 143 -2.05 -20.82 49.48
N THR C 144 -1.29 -19.76 49.70
CA THR C 144 -1.16 -19.15 51.02
C THR C 144 -1.86 -17.79 51.05
N SER C 145 -2.33 -17.41 52.23
CA SER C 145 -2.97 -16.13 52.44
C SER C 145 -2.01 -15.10 53.01
N SER C 146 -1.19 -15.49 53.98
CA SER C 146 -0.21 -14.61 54.61
C SER C 146 1.13 -15.31 54.65
N VAL C 147 2.20 -14.56 54.46
CA VAL C 147 3.56 -15.10 54.45
C VAL C 147 4.48 -14.16 55.22
N PRO C 148 4.77 -14.42 56.50
CA PRO C 148 5.69 -13.55 57.23
C PRO C 148 7.07 -13.54 56.58
N VAL C 149 7.70 -12.37 56.56
CA VAL C 149 8.99 -12.20 55.89
C VAL C 149 9.61 -10.92 56.40
N THR C 150 10.94 -10.83 56.28
CA THR C 150 11.70 -9.63 56.61
C THR C 150 12.59 -9.26 55.44
N PRO C 151 13.02 -8.00 55.36
CA PRO C 151 13.81 -7.57 54.20
C PRO C 151 15.07 -8.40 54.01
N GLY C 152 15.44 -8.60 52.74
CA GLY C 152 16.62 -9.36 52.40
C GLY C 152 16.38 -10.82 52.11
N GLU C 153 15.20 -11.34 52.44
CA GLU C 153 14.91 -12.75 52.19
C GLU C 153 14.37 -12.96 50.78
N SER C 154 14.37 -14.21 50.34
CA SER C 154 13.83 -14.61 49.06
C SER C 154 12.49 -15.29 49.29
N VAL C 155 11.45 -14.83 48.59
CA VAL C 155 10.10 -15.31 48.78
C VAL C 155 9.56 -15.82 47.45
N SER C 156 8.67 -16.81 47.53
CA SER C 156 8.02 -17.38 46.36
C SER C 156 6.52 -17.46 46.60
N ILE C 157 5.74 -16.86 45.71
CA ILE C 157 4.29 -16.90 45.76
C ILE C 157 3.82 -17.91 44.73
N SER C 158 2.91 -18.80 45.12
CA SER C 158 2.48 -19.90 44.29
C SER C 158 1.04 -19.70 43.85
N CYS C 159 0.74 -20.19 42.65
CA CYS C 159 -0.59 -20.10 42.06
C CYS C 159 -0.89 -21.37 41.29
N ARG C 160 -2.18 -21.65 41.11
CA ARG C 160 -2.62 -22.82 40.37
C ARG C 160 -3.95 -22.52 39.68
N SER C 161 -4.12 -23.04 38.48
CA SER C 161 -5.31 -22.81 37.67
C SER C 161 -5.99 -24.14 37.35
N SER C 162 -7.32 -24.11 37.30
CA SER C 162 -8.07 -25.32 36.97
C SER C 162 -7.83 -25.76 35.55
N LYS C 163 -7.55 -24.83 34.64
CA LYS C 163 -7.35 -25.12 33.23
C LYS C 163 -5.97 -24.62 32.81
N SER C 164 -5.38 -25.29 31.83
CA SER C 164 -4.07 -24.90 31.35
C SER C 164 -4.14 -23.55 30.65
N LEU C 165 -3.28 -22.62 31.06
CA LEU C 165 -3.25 -21.29 30.47
C LEU C 165 -2.37 -21.21 29.24
N LEU C 166 -1.62 -22.26 28.92
CA LEU C 166 -0.75 -22.27 27.75
C LEU C 166 -1.60 -22.44 26.50
N HIS C 167 -1.51 -21.49 25.58
CA HIS C 167 -2.29 -21.53 24.37
C HIS C 167 -1.50 -22.20 23.24
N SER C 168 -2.21 -22.52 22.16
CA SER C 168 -1.56 -23.16 21.01
C SER C 168 -0.43 -22.31 20.46
N ASN C 169 -0.49 -20.99 20.66
CA ASN C 169 0.53 -20.09 20.11
C ASN C 169 1.72 -19.92 21.04
N GLY C 170 1.73 -20.59 22.20
CA GLY C 170 2.87 -20.57 23.08
C GLY C 170 2.79 -19.58 24.22
N ASN C 171 1.82 -18.67 24.20
CA ASN C 171 1.69 -17.67 25.26
C ASN C 171 0.94 -18.27 26.44
N THR C 172 1.53 -18.16 27.63
CA THR C 172 0.88 -18.55 28.88
C THR C 172 0.33 -17.27 29.50
N TYR C 173 -0.99 -17.12 29.49
CA TYR C 173 -1.62 -15.86 29.85
C TYR C 173 -1.83 -15.74 31.36
N LEU C 174 -0.75 -15.62 32.12
CA LEU C 174 -0.83 -15.36 33.54
C LEU C 174 -0.28 -13.97 33.84
N TYR C 175 -0.95 -13.26 34.75
CA TYR C 175 -0.56 -11.92 35.14
C TYR C 175 -0.42 -11.85 36.66
N TRP C 176 0.55 -11.06 37.12
CA TRP C 176 0.77 -10.85 38.55
C TRP C 176 0.66 -9.37 38.86
N PHE C 177 -0.14 -9.04 39.87
CA PHE C 177 -0.38 -7.67 40.28
C PHE C 177 -0.06 -7.53 41.76
N LEU C 178 0.56 -6.40 42.12
CA LEU C 178 0.91 -6.10 43.50
C LEU C 178 0.11 -4.89 43.96
N GLN C 179 -0.61 -5.05 45.05
CA GLN C 179 -1.44 -3.98 45.63
C GLN C 179 -0.86 -3.65 47.01
N ARG C 180 0.00 -2.63 47.05
CA ARG C 180 0.57 -2.21 48.32
C ARG C 180 -0.53 -1.61 49.20
N PRO C 181 -0.36 -1.68 50.53
CA PRO C 181 -1.42 -1.18 51.42
C PRO C 181 -1.74 0.27 51.14
N GLY C 182 -3.00 0.54 50.82
CA GLY C 182 -3.44 1.88 50.52
C GLY C 182 -3.15 2.36 49.12
N GLN C 183 -2.83 1.46 48.19
CA GLN C 183 -2.50 1.81 46.82
C GLN C 183 -3.25 0.90 45.86
N SER C 184 -3.44 1.38 44.64
CA SER C 184 -4.09 0.57 43.62
C SER C 184 -3.11 -0.47 43.07
N PRO C 185 -3.62 -1.58 42.54
CA PRO C 185 -2.72 -2.60 42.00
C PRO C 185 -1.88 -2.07 40.86
N GLN C 186 -0.66 -2.58 40.75
CA GLN C 186 0.26 -2.25 39.68
C GLN C 186 0.76 -3.53 39.04
N LEU C 187 0.78 -3.56 37.70
CA LEU C 187 1.21 -4.76 37.00
C LEU C 187 2.65 -5.09 37.36
N LEU C 188 2.91 -6.36 37.65
CA LEU C 188 4.25 -6.85 37.93
C LEU C 188 4.78 -7.71 36.78
N ILE C 189 3.99 -8.69 36.35
CA ILE C 189 4.39 -9.63 35.32
C ILE C 189 3.21 -9.89 34.41
N TYR C 190 3.45 -9.94 33.10
CA TYR C 190 2.39 -10.24 32.14
C TYR C 190 2.80 -11.45 31.30
N ARG C 191 1.84 -12.36 31.10
CA ARG C 191 2.06 -13.60 30.36
C ARG C 191 3.16 -14.45 31.00
N MET C 192 3.18 -14.42 32.33
CA MET C 192 3.85 -15.41 33.16
C MET C 192 5.38 -15.28 33.17
N SER C 193 5.94 -14.49 32.27
CA SER C 193 7.39 -14.33 32.21
C SER C 193 7.85 -12.88 32.09
N ASN C 194 7.12 -12.07 31.34
CA ASN C 194 7.57 -10.72 31.04
C ASN C 194 7.42 -9.81 32.25
N LEU C 195 8.35 -8.89 32.41
CA LEU C 195 8.38 -7.98 33.55
C LEU C 195 7.93 -6.59 33.11
N ALA C 196 6.92 -6.05 33.77
CA ALA C 196 6.36 -4.76 33.39
C ALA C 196 7.40 -3.65 33.59
N SER C 197 7.33 -2.65 32.71
CA SER C 197 8.28 -1.56 32.77
C SER C 197 8.20 -0.84 34.10
N GLY C 198 9.36 -0.56 34.70
CA GLY C 198 9.44 0.10 35.98
C GLY C 198 9.42 -0.83 37.17
N VAL C 199 9.16 -2.11 36.97
CA VAL C 199 9.16 -3.07 38.06
C VAL C 199 10.61 -3.44 38.39
N PRO C 200 11.02 -3.40 39.66
CA PRO C 200 12.41 -3.75 39.98
C PRO C 200 12.73 -5.17 39.54
N ASP C 201 13.99 -5.38 39.19
CA ASP C 201 14.46 -6.68 38.72
C ASP C 201 14.35 -7.77 39.79
N ARG C 202 13.95 -7.44 41.01
CA ARG C 202 13.78 -8.45 42.05
C ARG C 202 12.76 -9.49 41.64
N PHE C 203 11.69 -9.07 40.98
CA PHE C 203 10.57 -9.96 40.68
C PHE C 203 10.86 -10.76 39.41
N SER C 204 10.55 -12.06 39.46
CA SER C 204 10.68 -12.94 38.31
C SER C 204 9.56 -13.95 38.35
N GLY C 205 8.99 -14.24 37.18
CA GLY C 205 7.87 -15.14 37.07
C GLY C 205 8.23 -16.37 36.28
N SER C 206 7.67 -17.51 36.68
CA SER C 206 7.96 -18.78 36.04
C SER C 206 6.77 -19.71 36.25
N GLY C 207 6.87 -20.89 35.67
CA GLY C 207 5.83 -21.89 35.80
C GLY C 207 5.62 -22.60 34.48
N SER C 208 4.53 -23.37 34.41
CA SER C 208 4.19 -24.10 33.21
C SER C 208 2.79 -24.65 33.35
N GLY C 209 2.03 -24.59 32.26
CA GLY C 209 0.71 -25.18 32.22
C GLY C 209 -0.24 -24.62 33.27
N THR C 210 -0.53 -25.41 34.30
CA THR C 210 -1.52 -25.06 35.30
C THR C 210 -0.93 -24.57 36.61
N ALA C 211 0.38 -24.63 36.79
CA ALA C 211 1.01 -24.23 38.04
C ALA C 211 2.06 -23.15 37.75
N PHE C 212 2.01 -22.06 38.51
CA PHE C 212 2.91 -20.93 38.32
C PHE C 212 3.37 -20.44 39.68
N THR C 213 4.48 -19.70 39.67
CA THR C 213 5.04 -19.12 40.88
C THR C 213 5.64 -17.76 40.56
N LEU C 214 5.67 -16.89 41.57
CA LEU C 214 6.33 -15.60 41.50
C LEU C 214 7.42 -15.58 42.57
N THR C 215 8.64 -15.26 42.15
CA THR C 215 9.80 -15.28 43.03
C THR C 215 10.32 -13.86 43.22
N ILE C 216 10.53 -13.48 44.47
CA ILE C 216 11.08 -12.18 44.84
C ILE C 216 12.44 -12.42 45.47
N SER C 217 13.48 -11.81 44.91
CA SER C 217 14.84 -11.96 45.39
C SER C 217 15.28 -10.68 46.11
N ARG C 218 15.90 -10.84 47.27
CA ARG C 218 16.32 -9.71 48.10
C ARG C 218 15.15 -8.76 48.33
N LEU C 219 14.11 -9.29 48.99
CA LEU C 219 12.89 -8.53 49.23
C LEU C 219 13.19 -7.27 50.05
N GLU C 220 12.50 -6.19 49.70
CA GLU C 220 12.62 -4.91 50.38
C GLU C 220 11.30 -4.56 51.05
N ALA C 221 11.34 -3.51 51.87
CA ALA C 221 10.16 -3.11 52.63
C ALA C 221 9.01 -2.66 51.74
N GLU C 222 9.30 -2.23 50.51
CA GLU C 222 8.25 -1.76 49.62
C GLU C 222 7.45 -2.89 48.98
N ASP C 223 7.92 -4.14 49.12
CA ASP C 223 7.21 -5.29 48.54
C ASP C 223 6.05 -5.76 49.39
N VAL C 224 5.85 -5.18 50.57
CA VAL C 224 4.75 -5.59 51.44
C VAL C 224 3.43 -5.27 50.76
N GLY C 225 2.56 -6.26 50.67
CA GLY C 225 1.28 -6.06 50.01
C GLY C 225 0.61 -7.41 49.75
N VAL C 226 -0.36 -7.37 48.84
CA VAL C 226 -1.10 -8.56 48.43
C VAL C 226 -0.85 -8.79 46.95
N TYR C 227 -0.50 -10.02 46.59
CA TYR C 227 -0.16 -10.39 45.22
C TYR C 227 -1.33 -11.17 44.63
N TYR C 228 -1.86 -10.68 43.52
CA TYR C 228 -3.00 -11.28 42.85
C TYR C 228 -2.58 -11.85 41.51
N CYS C 229 -3.05 -13.06 41.21
CA CYS C 229 -2.84 -13.69 39.93
C CYS C 229 -4.10 -13.61 39.08
N MET C 230 -3.91 -13.47 37.77
CA MET C 230 -5.03 -13.31 36.85
C MET C 230 -4.72 -14.04 35.56
N GLN C 231 -5.74 -14.67 35.00
CA GLN C 231 -5.63 -15.30 33.69
C GLN C 231 -6.30 -14.41 32.65
N HIS C 232 -5.66 -14.33 31.48
CA HIS C 232 -6.23 -13.61 30.35
C HIS C 232 -6.42 -14.54 29.16
N LEU C 233 -6.55 -15.84 29.43
CA LEU C 233 -6.78 -16.81 28.37
C LEU C 233 -8.19 -16.69 27.81
N GLU C 234 -9.17 -16.51 28.70
CA GLU C 234 -10.57 -16.41 28.30
C GLU C 234 -11.18 -15.15 28.90
N TYR C 235 -12.36 -14.81 28.39
CA TYR C 235 -12.94 -13.48 28.56
C TYR C 235 -13.39 -13.19 29.99
N PRO C 236 -13.86 -14.18 30.77
CA PRO C 236 -14.26 -13.89 32.15
C PRO C 236 -13.16 -13.33 33.03
N LEU C 237 -11.89 -13.50 32.67
CA LEU C 237 -10.77 -12.85 33.35
C LEU C 237 -10.84 -13.07 34.87
N THR C 238 -10.67 -14.34 35.25
CA THR C 238 -10.74 -14.71 36.66
C THR C 238 -9.47 -14.27 37.39
N PHE C 239 -9.63 -13.89 38.65
CA PHE C 239 -8.54 -13.49 39.52
C PHE C 239 -8.30 -14.53 40.60
N GLY C 240 -7.15 -14.43 41.25
CA GLY C 240 -6.86 -15.27 42.39
C GLY C 240 -7.33 -14.65 43.69
N ALA C 241 -7.22 -15.44 44.77
CA ALA C 241 -7.67 -14.99 46.08
C ALA C 241 -6.75 -13.93 46.65
N GLY C 242 -5.48 -13.93 46.29
CA GLY C 242 -4.53 -12.95 46.80
C GLY C 242 -3.71 -13.46 47.96
N THR C 243 -2.39 -13.36 47.84
CA THR C 243 -1.46 -13.81 48.87
C THR C 243 -0.77 -12.59 49.46
N LYS C 244 -0.83 -12.45 50.79
CA LYS C 244 -0.30 -11.29 51.48
C LYS C 244 1.11 -11.58 51.98
N LEU C 245 2.01 -10.63 51.78
CA LEU C 245 3.33 -10.62 52.41
C LEU C 245 3.35 -9.55 53.47
N GLU C 246 3.97 -9.86 54.61
CA GLU C 246 4.00 -8.92 55.73
C GLU C 246 5.29 -9.07 56.54
N GLN D 18 43.00 8.81 -0.64
CA GLN D 18 42.86 7.61 0.23
C GLN D 18 43.73 6.46 -0.27
N LEU D 19 44.12 6.53 -1.55
CA LEU D 19 44.92 5.46 -2.14
C LEU D 19 46.24 5.27 -1.40
N LYS D 20 46.72 6.32 -0.71
CA LYS D 20 47.98 6.21 0.01
C LYS D 20 47.92 5.11 1.07
N MET D 21 46.75 4.92 1.69
CA MET D 21 46.58 3.90 2.71
C MET D 21 46.02 2.60 2.14
N GLU D 22 45.11 2.70 1.16
CA GLU D 22 44.54 1.49 0.58
C GLU D 22 45.60 0.63 -0.09
N ALA D 23 46.63 1.25 -0.67
CA ALA D 23 47.66 0.50 -1.38
C ALA D 23 48.54 -0.33 -0.45
N ASN D 24 48.60 0.00 0.84
CA ASN D 24 49.48 -0.65 1.78
C ASN D 24 48.74 -1.59 2.74
N ILE D 25 47.59 -2.10 2.33
CA ILE D 25 46.83 -3.03 3.16
C ILE D 25 47.34 -4.44 2.94
N ASP D 26 47.44 -5.21 4.02
CA ASP D 26 47.80 -6.62 3.91
C ASP D 26 46.67 -7.38 3.24
N ARG D 27 47.03 -8.28 2.32
CA ARG D 27 46.05 -9.02 1.53
C ARG D 27 46.37 -10.51 1.60
N ILE D 28 45.33 -11.32 1.36
CA ILE D 28 45.45 -12.77 1.38
C ILE D 28 45.19 -13.30 -0.02
N LYS D 29 45.35 -14.62 -0.17
CA LYS D 29 45.10 -15.27 -1.45
C LYS D 29 43.59 -15.40 -1.68
N VAL D 30 43.19 -15.33 -2.95
CA VAL D 30 41.78 -15.52 -3.29
C VAL D 30 41.35 -16.94 -2.94
N SER D 31 42.25 -17.91 -3.11
CA SER D 31 41.90 -19.29 -2.78
C SER D 31 41.54 -19.43 -1.31
N LYS D 32 42.28 -18.76 -0.43
CA LYS D 32 41.98 -18.81 1.00
C LYS D 32 40.62 -18.20 1.29
N ALA D 33 40.30 -17.08 0.64
CA ALA D 33 39.01 -16.45 0.85
C ALA D 33 37.87 -17.36 0.39
N ALA D 34 38.04 -17.99 -0.78
CA ALA D 34 37.03 -18.92 -1.26
C ALA D 34 36.88 -20.10 -0.30
N ALA D 35 37.99 -20.61 0.22
CA ALA D 35 37.93 -21.72 1.15
C ALA D 35 37.20 -21.31 2.42
N ASP D 36 37.45 -20.10 2.91
CA ASP D 36 36.78 -19.64 4.12
C ASP D 36 35.28 -19.50 3.89
N LEU D 37 34.89 -18.93 2.75
CA LEU D 37 33.46 -18.83 2.44
C LEU D 37 32.82 -20.21 2.35
N MET D 38 33.51 -21.16 1.69
CA MET D 38 32.98 -22.51 1.59
C MET D 38 32.85 -23.16 2.97
N ALA D 39 33.84 -22.95 3.84
CA ALA D 39 33.81 -23.53 5.17
C ALA D 39 32.65 -22.97 5.98
N TYR D 40 32.43 -21.66 5.91
CA TYR D 40 31.31 -21.07 6.63
C TYR D 40 29.99 -21.59 6.09
N CYS D 41 29.88 -21.71 4.77
CA CYS D 41 28.63 -22.21 4.18
C CYS D 41 28.37 -23.65 4.60
N GLU D 42 29.41 -24.48 4.66
CA GLU D 42 29.23 -25.89 5.00
C GLU D 42 28.94 -26.07 6.48
N ALA D 43 29.63 -25.31 7.35
CA ALA D 43 29.46 -25.48 8.78
C ALA D 43 28.04 -25.17 9.21
N HIS D 44 27.46 -24.09 8.68
CA HIS D 44 26.11 -23.66 9.05
C HIS D 44 25.06 -24.11 8.05
N ALA D 45 25.34 -25.14 7.25
CA ALA D 45 24.37 -25.59 6.27
C ALA D 45 23.09 -26.10 6.93
N LYS D 46 23.23 -26.84 8.04
CA LYS D 46 22.06 -27.38 8.72
C LYS D 46 21.24 -26.31 9.42
N GLU D 47 21.77 -25.10 9.54
CA GLU D 47 21.10 -24.02 10.28
C GLU D 47 20.36 -23.05 9.36
N ASP D 48 20.13 -23.41 8.10
CA ASP D 48 19.51 -22.54 7.12
C ASP D 48 18.14 -23.10 6.74
N PRO D 49 17.06 -22.61 7.34
CA PRO D 49 15.72 -23.12 6.98
C PRO D 49 15.38 -22.97 5.51
N LEU D 50 15.84 -21.91 4.85
CA LEU D 50 15.58 -21.75 3.42
C LEU D 50 16.32 -22.79 2.59
N LEU D 51 17.56 -23.12 2.97
CA LEU D 51 18.34 -24.07 2.19
C LEU D 51 17.81 -25.49 2.35
N THR D 52 17.49 -25.89 3.59
CA THR D 52 17.01 -27.24 3.88
C THR D 52 15.48 -27.28 3.89
N PRO D 53 14.89 -28.45 3.67
CA PRO D 53 13.41 -28.57 3.68
C PRO D 53 12.85 -28.68 5.10
N VAL D 54 12.67 -27.53 5.74
CA VAL D 54 12.19 -27.53 7.12
C VAL D 54 10.78 -28.12 7.16
N PRO D 55 10.49 -29.07 8.05
CA PRO D 55 9.15 -29.65 8.09
C PRO D 55 8.11 -28.65 8.56
N ALA D 56 6.87 -28.86 8.11
CA ALA D 56 5.79 -27.95 8.45
C ALA D 56 5.50 -27.90 9.95
N SER D 57 5.94 -28.91 10.70
CA SER D 57 5.65 -28.95 12.14
C SER D 57 6.29 -27.76 12.85
N GLU D 58 7.55 -27.45 12.50
CA GLU D 58 8.27 -26.37 13.16
C GLU D 58 8.40 -25.11 12.32
N ASN D 59 7.87 -25.11 11.10
CA ASN D 59 7.91 -23.92 10.28
C ASN D 59 6.82 -22.97 10.76
N PRO D 60 7.15 -21.74 11.18
CA PRO D 60 6.14 -20.87 11.78
C PRO D 60 5.16 -20.25 10.80
N PHE D 61 5.37 -20.41 9.49
CA PHE D 61 4.52 -19.76 8.49
C PHE D 61 3.58 -20.73 7.79
N ARG D 62 3.83 -22.03 7.84
CA ARG D 62 2.89 -23.01 7.31
C ARG D 62 1.95 -23.48 8.40
N TYR E 156 -33.19 -31.05 -39.19
CA TYR E 156 -33.43 -29.62 -38.82
C TYR E 156 -33.00 -29.34 -37.38
N GLN E 157 -33.45 -30.20 -36.46
CA GLN E 157 -33.20 -29.97 -35.04
C GLN E 157 -31.71 -30.00 -34.72
N VAL E 158 -30.94 -30.83 -35.43
CA VAL E 158 -29.54 -31.00 -35.09
C VAL E 158 -28.77 -29.69 -35.28
N ILE E 159 -28.92 -29.06 -36.45
CA ILE E 159 -28.15 -27.87 -36.76
C ILE E 159 -28.53 -26.74 -35.82
N THR E 160 -29.83 -26.52 -35.62
CA THR E 160 -30.27 -25.44 -34.75
C THR E 160 -29.81 -25.68 -33.32
N SER E 161 -29.89 -26.93 -32.85
CA SER E 161 -29.42 -27.24 -31.50
C SER E 161 -27.93 -26.96 -31.36
N LEU E 162 -27.14 -27.36 -32.36
CA LEU E 162 -25.70 -27.10 -32.30
C LEU E 162 -25.42 -25.60 -32.28
N LEU E 163 -26.10 -24.84 -33.13
CA LEU E 163 -25.86 -23.40 -33.20
C LEU E 163 -26.24 -22.72 -31.89
N LEU E 164 -27.39 -23.06 -31.33
CA LEU E 164 -27.82 -22.45 -30.08
C LEU E 164 -26.89 -22.83 -28.93
N GLY E 165 -26.45 -24.10 -28.90
CA GLY E 165 -25.49 -24.50 -27.89
C GLY E 165 -24.19 -23.75 -28.00
N THR E 166 -23.70 -23.54 -29.23
CA THR E 166 -22.50 -22.75 -29.43
C THR E 166 -22.69 -21.33 -28.93
N LEU E 167 -23.85 -20.73 -29.25
CA LEU E 167 -24.11 -19.36 -28.80
C LEU E 167 -24.10 -19.28 -27.28
N ILE E 168 -24.79 -20.21 -26.61
CA ILE E 168 -24.88 -20.19 -25.16
C ILE E 168 -23.50 -20.39 -24.55
N PHE E 169 -22.73 -21.35 -25.10
CA PHE E 169 -21.41 -21.63 -24.56
C PHE E 169 -20.50 -20.41 -24.71
N CYS E 170 -20.54 -19.75 -25.86
CA CYS E 170 -19.70 -18.58 -26.07
C CYS E 170 -20.10 -17.45 -25.12
N ALA E 171 -21.41 -17.24 -24.94
CA ALA E 171 -21.87 -16.19 -24.03
C ALA E 171 -21.36 -16.47 -22.61
N VAL E 172 -21.57 -17.69 -22.13
CA VAL E 172 -21.15 -18.03 -20.78
C VAL E 172 -19.64 -17.88 -20.64
N LEU E 173 -18.89 -18.38 -21.61
CA LEU E 173 -17.44 -18.32 -21.54
C LEU E 173 -16.96 -16.87 -21.50
N GLY E 174 -17.49 -16.03 -22.37
CA GLY E 174 -17.03 -14.64 -22.41
C GLY E 174 -17.36 -13.90 -21.13
N ASN E 175 -18.59 -14.03 -20.65
CA ASN E 175 -18.97 -13.32 -19.44
C ASN E 175 -18.19 -13.82 -18.24
N ALA E 176 -17.98 -15.14 -18.15
CA ALA E 176 -17.19 -15.69 -17.05
C ALA E 176 -15.75 -15.20 -17.13
N CYS E 177 -15.19 -15.10 -18.33
CA CYS E 177 -13.83 -14.59 -18.48
C CYS E 177 -13.75 -13.14 -18.01
N VAL E 178 -14.74 -12.32 -18.36
CA VAL E 178 -14.73 -10.93 -17.91
C VAL E 178 -14.78 -10.86 -16.39
N VAL E 179 -15.69 -11.61 -15.78
CA VAL E 179 -15.84 -11.56 -14.32
C VAL E 179 -14.56 -12.06 -13.65
N ALA E 180 -13.97 -13.14 -14.18
CA ALA E 180 -12.74 -13.67 -13.60
C ALA E 180 -11.60 -12.67 -13.72
N ALA E 181 -11.50 -12.00 -14.88
CA ALA E 181 -10.42 -11.03 -15.07
C ALA E 181 -10.54 -9.86 -14.12
N ILE E 182 -11.78 -9.38 -13.89
CA ILE E 182 -11.93 -8.26 -12.96
C ILE E 182 -11.45 -8.63 -11.56
N ALA E 183 -11.48 -9.92 -11.21
CA ALA E 183 -11.10 -10.33 -9.86
C ALA E 183 -9.63 -10.74 -9.78
N LEU E 184 -9.08 -11.24 -10.89
CA LEU E 184 -7.71 -11.74 -10.87
C LEU E 184 -6.70 -10.61 -10.75
N GLU E 185 -6.88 -9.55 -11.54
CA GLU E 185 -5.91 -8.47 -11.63
C GLU E 185 -6.41 -7.27 -10.83
N ARG E 186 -5.49 -6.60 -10.13
CA ARG E 186 -5.85 -5.44 -9.33
C ARG E 186 -5.97 -4.17 -10.15
N SER E 187 -5.41 -4.14 -11.35
CA SER E 187 -5.46 -2.92 -12.16
C SER E 187 -6.83 -2.70 -12.79
N LEU E 188 -7.70 -3.71 -12.75
CA LEU E 188 -9.03 -3.61 -13.35
C LEU E 188 -10.12 -3.32 -12.33
N GLN E 189 -9.77 -2.96 -11.09
CA GLN E 189 -10.76 -2.72 -10.05
C GLN E 189 -10.94 -1.22 -9.88
N ASN E 190 -11.96 -0.67 -10.53
CA ASN E 190 -12.32 0.74 -10.39
C ASN E 190 -13.78 0.89 -10.82
N VAL E 191 -14.32 2.09 -10.60
CA VAL E 191 -15.76 2.30 -10.72
C VAL E 191 -16.25 1.89 -12.10
N ALA E 192 -15.57 2.36 -13.15
CA ALA E 192 -15.99 2.01 -14.50
C ALA E 192 -15.92 0.51 -14.73
N ASN E 193 -14.85 -0.11 -14.25
CA ASN E 193 -14.71 -1.56 -14.39
C ASN E 193 -15.68 -2.29 -13.48
N TYR E 194 -16.06 -1.70 -12.34
CA TYR E 194 -17.13 -2.30 -11.54
C TYR E 194 -18.44 -2.34 -12.32
N LEU E 195 -18.77 -1.24 -13.01
CA LEU E 195 -19.99 -1.23 -13.81
C LEU E 195 -19.92 -2.25 -14.95
N ILE E 196 -18.76 -2.33 -15.61
CA ILE E 196 -18.62 -3.30 -16.70
C ILE E 196 -18.71 -4.72 -16.17
N GLY E 197 -18.13 -4.99 -15.00
CA GLY E 197 -18.23 -6.31 -14.42
C GLY E 197 -19.64 -6.67 -14.01
N SER E 198 -20.39 -5.69 -13.50
CA SER E 198 -21.80 -5.93 -13.18
C SER E 198 -22.58 -6.25 -14.43
N LEU E 199 -22.32 -5.54 -15.52
CA LEU E 199 -22.98 -5.86 -16.78
C LEU E 199 -22.62 -7.27 -17.24
N ALA E 200 -21.35 -7.65 -17.10
CA ALA E 200 -20.93 -8.99 -17.48
C ALA E 200 -21.60 -10.05 -16.61
N VAL E 201 -21.77 -9.78 -15.33
CA VAL E 201 -22.45 -10.73 -14.44
C VAL E 201 -23.90 -10.89 -14.84
N THR E 202 -24.57 -9.78 -15.17
CA THR E 202 -25.95 -9.86 -15.62
C THR E 202 -26.05 -10.68 -16.91
N ASP E 203 -25.13 -10.45 -17.84
CA ASP E 203 -25.14 -11.22 -19.08
C ASP E 203 -24.87 -12.69 -18.82
N LEU E 204 -23.98 -13.00 -17.87
CA LEU E 204 -23.71 -14.38 -17.50
C LEU E 204 -24.96 -15.04 -16.94
N MET E 205 -25.69 -14.33 -16.07
CA MET E 205 -26.91 -14.90 -15.53
C MET E 205 -27.96 -15.10 -16.61
N VAL E 206 -28.01 -14.20 -17.59
CA VAL E 206 -28.88 -14.39 -18.74
C VAL E 206 -28.50 -15.70 -19.41
N SER E 207 -27.20 -15.86 -19.70
CA SER E 207 -26.75 -17.02 -20.46
C SER E 207 -26.92 -18.31 -19.68
N VAL E 208 -26.99 -18.24 -18.36
CA VAL E 208 -27.07 -19.44 -17.54
C VAL E 208 -28.53 -19.83 -17.29
N LEU E 209 -29.39 -18.86 -16.98
CA LEU E 209 -30.75 -19.16 -16.56
C LEU E 209 -31.75 -19.06 -17.71
N VAL E 210 -31.62 -18.05 -18.57
CA VAL E 210 -32.64 -17.78 -19.57
C VAL E 210 -32.33 -18.50 -20.88
N LEU E 211 -31.11 -18.34 -21.38
CA LEU E 211 -30.76 -18.86 -22.70
C LEU E 211 -30.94 -20.38 -22.82
N PRO E 212 -30.54 -21.21 -21.86
CA PRO E 212 -30.75 -22.66 -22.05
C PRO E 212 -32.22 -23.04 -22.17
N MET E 213 -33.08 -22.50 -21.32
CA MET E 213 -34.51 -22.81 -21.42
C MET E 213 -35.09 -22.32 -22.74
N ALA E 214 -34.70 -21.11 -23.17
CA ALA E 214 -35.19 -20.59 -24.44
C ALA E 214 -34.74 -21.46 -25.60
N ALA E 215 -33.49 -21.90 -25.58
CA ALA E 215 -32.97 -22.76 -26.63
C ALA E 215 -33.71 -24.10 -26.65
N LEU E 216 -33.97 -24.66 -25.47
CA LEU E 216 -34.74 -25.89 -25.39
C LEU E 216 -36.12 -25.72 -25.99
N TYR E 217 -36.80 -24.63 -25.61
CA TYR E 217 -38.11 -24.33 -26.17
C TYR E 217 -38.03 -24.23 -27.69
N GLN E 218 -37.00 -23.57 -28.21
CA GLN E 218 -36.90 -23.35 -29.65
C GLN E 218 -36.67 -24.67 -30.38
N VAL E 219 -35.81 -25.53 -29.83
CA VAL E 219 -35.52 -26.79 -30.53
C VAL E 219 -36.73 -27.69 -30.49
N LEU E 220 -37.36 -27.83 -29.32
CA LEU E 220 -38.53 -28.69 -29.21
C LEU E 220 -39.76 -28.10 -29.86
N ASN E 221 -39.77 -26.79 -30.14
CA ASN E 221 -40.90 -26.08 -30.74
C ASN E 221 -42.11 -26.04 -29.83
N LYS E 222 -41.97 -26.43 -28.57
CA LYS E 222 -43.08 -26.43 -27.64
C LYS E 222 -42.52 -26.40 -26.22
N TRP E 223 -43.35 -25.94 -25.29
CA TRP E 223 -42.94 -25.82 -23.89
C TRP E 223 -43.36 -27.09 -23.16
N THR E 224 -42.38 -27.77 -22.54
CA THR E 224 -42.63 -29.03 -21.88
C THR E 224 -42.48 -28.95 -20.37
N LEU E 225 -42.09 -27.79 -19.83
CA LEU E 225 -41.76 -27.67 -18.42
C LEU E 225 -42.91 -27.16 -17.56
N GLY E 226 -44.09 -26.97 -18.14
CA GLY E 226 -45.26 -26.60 -17.36
C GLY E 226 -45.45 -25.11 -17.19
N GLN E 227 -46.57 -24.73 -16.57
CA GLN E 227 -46.91 -23.31 -16.43
C GLN E 227 -46.03 -22.61 -15.39
N VAL E 228 -45.72 -23.29 -14.28
CA VAL E 228 -44.90 -22.67 -13.25
C VAL E 228 -43.52 -22.34 -13.81
N THR E 229 -42.91 -23.28 -14.51
CA THR E 229 -41.61 -23.02 -15.14
C THR E 229 -41.72 -21.97 -16.22
N CYS E 230 -42.84 -21.92 -16.94
CA CYS E 230 -43.04 -20.88 -17.95
C CYS E 230 -43.03 -19.50 -17.31
N ASP E 231 -43.76 -19.34 -16.20
CA ASP E 231 -43.78 -18.06 -15.50
C ASP E 231 -42.41 -17.70 -14.97
N LEU E 232 -41.71 -18.67 -14.39
CA LEU E 232 -40.35 -18.42 -13.89
C LEU E 232 -39.43 -17.96 -15.02
N PHE E 233 -39.53 -18.64 -16.17
CA PHE E 233 -38.69 -18.30 -17.32
C PHE E 233 -38.99 -16.90 -17.83
N ILE E 234 -40.27 -16.55 -17.93
CA ILE E 234 -40.64 -15.22 -18.38
C ILE E 234 -40.10 -14.17 -17.41
N ALA E 235 -40.27 -14.39 -16.11
CA ALA E 235 -39.80 -13.42 -15.13
C ALA E 235 -38.29 -13.24 -15.24
N LEU E 236 -37.54 -14.34 -15.26
CA LEU E 236 -36.09 -14.25 -15.35
C LEU E 236 -35.66 -13.54 -16.63
N ASP E 237 -36.28 -13.90 -17.76
CA ASP E 237 -35.93 -13.30 -19.03
C ASP E 237 -36.11 -11.79 -19.00
N VAL E 238 -37.30 -11.34 -18.60
CA VAL E 238 -37.58 -9.91 -18.58
C VAL E 238 -36.63 -9.20 -17.62
N LEU E 239 -36.48 -9.74 -16.40
CA LEU E 239 -35.65 -9.09 -15.40
C LEU E 239 -34.22 -8.93 -15.91
N CYS E 240 -33.63 -10.01 -16.42
CA CYS E 240 -32.22 -9.97 -16.76
C CYS E 240 -31.98 -9.13 -18.00
N CYS E 241 -32.86 -9.21 -19.00
CA CYS E 241 -32.68 -8.38 -20.19
C CYS E 241 -32.81 -6.90 -19.86
N THR E 242 -33.81 -6.54 -19.04
CA THR E 242 -33.94 -5.15 -18.64
C THR E 242 -32.72 -4.69 -17.85
N SER E 243 -32.21 -5.56 -16.98
CA SER E 243 -31.04 -5.21 -16.20
C SER E 243 -29.84 -4.96 -17.11
N SER E 244 -29.67 -5.79 -18.13
CA SER E 244 -28.55 -5.60 -19.07
C SER E 244 -28.67 -4.27 -19.80
N ILE E 245 -29.88 -3.96 -20.31
CA ILE E 245 -30.06 -2.71 -21.04
C ILE E 245 -29.76 -1.52 -20.14
N TRP E 246 -30.28 -1.56 -18.92
CA TRP E 246 -30.07 -0.43 -18.02
C TRP E 246 -28.64 -0.38 -17.50
N HIS E 247 -27.93 -1.51 -17.54
CA HIS E 247 -26.48 -1.47 -17.25
C HIS E 247 -25.74 -0.72 -18.34
N LEU E 248 -26.11 -0.96 -19.60
CA LEU E 248 -25.55 -0.16 -20.69
C LEU E 248 -25.84 1.32 -20.46
N CYS E 249 -27.07 1.63 -20.06
CA CYS E 249 -27.45 3.02 -19.82
C CYS E 249 -26.63 3.62 -18.68
N ALA E 250 -26.42 2.86 -17.62
CA ALA E 250 -25.65 3.35 -16.48
C ALA E 250 -24.19 3.58 -16.84
N ILE E 251 -23.62 2.70 -17.66
CA ILE E 251 -22.26 2.92 -18.15
C ILE E 251 -22.19 4.21 -18.95
N ALA E 252 -23.18 4.45 -19.81
CA ALA E 252 -23.20 5.69 -20.58
C ALA E 252 -23.28 6.90 -19.66
N LEU E 253 -24.13 6.85 -18.63
CA LEU E 253 -24.24 7.96 -17.70
C LEU E 253 -22.94 8.21 -16.96
N ASP E 254 -22.27 7.15 -16.51
CA ASP E 254 -21.00 7.30 -15.84
C ASP E 254 -19.97 7.95 -16.75
N ARG E 255 -19.91 7.51 -18.01
CA ARG E 255 -18.97 8.10 -18.96
C ARG E 255 -19.28 9.57 -19.18
N TYR E 256 -20.56 9.92 -19.29
CA TYR E 256 -20.94 11.32 -19.47
C TYR E 256 -20.48 12.16 -18.29
N TRP E 257 -20.73 11.70 -17.06
CA TRP E 257 -20.29 12.45 -15.90
C TRP E 257 -18.78 12.59 -15.86
N ALA E 258 -18.06 11.52 -16.18
CA ALA E 258 -16.60 11.58 -16.17
C ALA E 258 -16.07 12.57 -17.20
N ILE E 259 -16.69 12.61 -18.37
CA ILE E 259 -16.17 13.44 -19.46
C ILE E 259 -16.58 14.91 -19.33
N THR E 260 -17.71 15.21 -18.69
CA THR E 260 -18.18 16.59 -18.61
C THR E 260 -17.93 17.26 -17.27
N ASP E 261 -17.73 16.49 -16.20
CA ASP E 261 -17.57 17.02 -14.84
C ASP E 261 -16.30 16.45 -14.25
N PRO E 262 -15.15 17.09 -14.47
CA PRO E 262 -13.90 16.57 -13.90
C PRO E 262 -13.76 16.82 -12.40
N ILE E 263 -14.31 17.92 -11.88
CA ILE E 263 -14.24 18.14 -10.44
C ILE E 263 -15.02 17.07 -9.69
N ASP E 264 -16.20 16.70 -10.21
CA ASP E 264 -16.93 15.58 -9.63
C ASP E 264 -16.14 14.29 -9.76
N TYR E 265 -15.46 14.10 -10.90
CA TYR E 265 -14.66 12.91 -11.10
C TYR E 265 -13.57 12.80 -10.03
N VAL E 266 -12.91 13.90 -9.72
CA VAL E 266 -11.79 13.86 -8.79
C VAL E 266 -12.28 13.79 -7.35
N ASN E 267 -13.27 14.60 -7.00
CA ASN E 267 -13.65 14.75 -5.60
C ASN E 267 -14.72 13.75 -5.16
N LYS E 268 -15.76 13.58 -5.97
CA LYS E 268 -16.97 12.89 -5.52
C LYS E 268 -17.18 11.51 -6.13
N ARG E 269 -16.35 11.08 -7.07
CA ARG E 269 -16.55 9.79 -7.72
C ARG E 269 -16.00 8.68 -6.82
N THR E 270 -16.86 7.80 -6.35
CA THR E 270 -16.51 6.70 -5.47
C THR E 270 -17.24 5.44 -5.91
N PRO E 271 -16.78 4.26 -5.47
CA PRO E 271 -17.47 3.02 -5.85
C PRO E 271 -18.91 2.96 -5.35
N ARG E 272 -19.27 3.74 -4.33
CA ARG E 272 -20.67 3.83 -3.95
C ARG E 272 -21.53 4.26 -5.13
N ARG E 273 -20.96 5.06 -6.03
CA ARG E 273 -21.67 5.43 -7.25
C ARG E 273 -22.01 4.21 -8.09
N ALA E 274 -21.02 3.32 -8.28
CA ALA E 274 -21.27 2.11 -9.05
C ALA E 274 -22.28 1.21 -8.36
N ALA E 275 -22.19 1.10 -7.04
CA ALA E 275 -23.16 0.29 -6.31
C ALA E 275 -24.57 0.84 -6.48
N ALA E 276 -24.73 2.16 -6.37
CA ALA E 276 -26.05 2.77 -6.53
C ALA E 276 -26.58 2.56 -7.94
N LEU E 277 -25.71 2.71 -8.94
CA LEU E 277 -26.16 2.54 -10.33
C LEU E 277 -26.60 1.11 -10.59
N ILE E 278 -25.83 0.13 -10.09
CA ILE E 278 -26.21 -1.26 -10.27
C ILE E 278 -27.53 -1.55 -9.56
N SER E 279 -27.69 -0.99 -8.35
CA SER E 279 -28.94 -1.16 -7.61
C SER E 279 -30.12 -0.60 -8.41
N LEU E 280 -29.93 0.57 -9.02
CA LEU E 280 -31.01 1.18 -9.79
C LEU E 280 -31.36 0.33 -11.00
N THR E 281 -30.35 -0.20 -11.69
CA THR E 281 -30.62 -1.05 -12.86
C THR E 281 -31.42 -2.28 -12.44
N TRP E 282 -31.00 -2.94 -11.36
CA TRP E 282 -31.72 -4.13 -10.90
C TRP E 282 -33.12 -3.78 -10.41
N LEU E 283 -33.27 -2.60 -9.79
CA LEU E 283 -34.60 -2.16 -9.35
C LEU E 283 -35.52 -1.98 -10.53
N ILE E 284 -35.04 -1.35 -11.60
CA ILE E 284 -35.86 -1.18 -12.80
C ILE E 284 -36.24 -2.53 -13.37
N GLY E 285 -35.28 -3.45 -13.44
CA GLY E 285 -35.57 -4.78 -13.94
C GLY E 285 -36.65 -5.48 -13.13
N PHE E 286 -36.53 -5.44 -11.81
CA PHE E 286 -37.52 -6.07 -10.94
C PHE E 286 -38.89 -5.42 -11.10
N LEU E 287 -38.92 -4.09 -11.20
CA LEU E 287 -40.19 -3.40 -11.36
C LEU E 287 -40.88 -3.79 -12.65
N ILE E 288 -40.11 -3.96 -13.73
CA ILE E 288 -40.74 -4.32 -15.00
C ILE E 288 -41.09 -5.80 -15.05
N SER E 289 -40.39 -6.65 -14.30
CA SER E 289 -40.65 -8.08 -14.39
C SER E 289 -41.80 -8.54 -13.49
N ILE E 290 -42.04 -7.83 -12.39
CA ILE E 290 -43.03 -8.28 -11.40
C ILE E 290 -44.45 -8.29 -11.96
N PRO E 291 -44.93 -7.24 -12.62
CA PRO E 291 -46.37 -7.13 -12.94
C PRO E 291 -46.94 -8.40 -13.53
N PRO E 292 -46.33 -8.97 -14.58
CA PRO E 292 -46.97 -10.13 -15.24
C PRO E 292 -47.21 -11.30 -14.30
N MET E 293 -46.38 -11.50 -13.28
CA MET E 293 -46.58 -12.59 -12.35
C MET E 293 -47.68 -12.29 -11.33
N LEU E 294 -48.06 -11.03 -11.16
CA LEU E 294 -49.05 -10.64 -10.15
C LEU E 294 -50.39 -10.27 -10.76
N GLY E 295 -50.40 -9.34 -11.72
CA GLY E 295 -51.65 -8.79 -12.23
C GLY E 295 -51.98 -9.20 -13.65
N TRP E 296 -51.73 -10.46 -13.99
CA TRP E 296 -52.08 -10.97 -15.32
C TRP E 296 -53.34 -11.81 -15.24
N PRO E 305 -50.94 -24.13 -22.16
CA PRO E 305 -49.75 -24.69 -21.50
C PRO E 305 -48.79 -25.38 -22.47
N ASP E 306 -49.16 -25.40 -23.76
CA ASP E 306 -48.30 -26.01 -24.77
C ASP E 306 -47.25 -25.02 -25.31
N ALA E 307 -47.38 -23.74 -24.98
CA ALA E 307 -46.43 -22.74 -25.46
C ALA E 307 -46.25 -21.66 -24.42
N CYS E 308 -45.09 -21.03 -24.43
CA CYS E 308 -44.74 -19.95 -23.51
C CYS E 308 -44.79 -18.62 -24.24
N THR E 309 -45.58 -17.69 -23.74
CA THR E 309 -45.76 -16.39 -24.38
C THR E 309 -46.01 -15.34 -23.31
N ILE E 310 -45.36 -14.18 -23.46
CA ILE E 310 -45.54 -13.10 -22.49
C ILE E 310 -46.89 -12.43 -22.69
N SER E 311 -47.33 -11.70 -21.67
CA SER E 311 -48.62 -11.04 -21.69
C SER E 311 -48.74 -10.09 -22.87
N LYS E 312 -49.89 -10.13 -23.55
CA LYS E 312 -50.15 -9.27 -24.69
C LYS E 312 -50.99 -8.04 -24.31
N ASP E 313 -51.25 -7.83 -23.03
CA ASP E 313 -52.07 -6.69 -22.61
C ASP E 313 -51.45 -5.39 -23.10
N HIS E 314 -52.27 -4.56 -23.77
CA HIS E 314 -51.76 -3.36 -24.42
C HIS E 314 -51.05 -2.46 -23.42
N GLY E 315 -51.69 -2.19 -22.28
CA GLY E 315 -51.08 -1.33 -21.29
C GLY E 315 -49.74 -1.89 -20.82
N TYR E 316 -49.69 -3.19 -20.54
CA TYR E 316 -48.45 -3.77 -20.05
C TYR E 316 -47.37 -3.80 -21.11
N THR E 317 -47.74 -4.09 -22.36
CA THR E 317 -46.71 -4.12 -23.39
C THR E 317 -46.12 -2.73 -23.59
N ILE E 318 -46.96 -1.70 -23.59
CA ILE E 318 -46.45 -0.33 -23.71
C ILE E 318 -45.54 -0.02 -22.52
N TYR E 319 -46.00 -0.32 -21.31
CA TYR E 319 -45.24 -0.03 -20.10
C TYR E 319 -43.88 -0.70 -20.15
N SER E 320 -43.86 -2.01 -20.40
CA SER E 320 -42.62 -2.77 -20.38
C SER E 320 -41.68 -2.33 -21.50
N THR E 321 -42.18 -2.17 -22.73
CA THR E 321 -41.33 -1.77 -23.83
C THR E 321 -40.70 -0.40 -23.57
N PHE E 322 -41.51 0.56 -23.13
CA PHE E 322 -41.00 1.91 -22.91
C PHE E 322 -40.01 1.92 -21.74
N GLY E 323 -40.29 1.16 -20.69
CA GLY E 323 -39.39 1.14 -19.54
C GLY E 323 -38.12 0.35 -19.77
N ALA E 324 -38.12 -0.57 -20.74
CA ALA E 324 -36.98 -1.46 -20.94
C ALA E 324 -36.08 -1.01 -22.07
N PHE E 325 -36.64 -0.53 -23.18
CA PHE E 325 -35.85 -0.17 -24.35
C PHE E 325 -35.95 1.32 -24.69
N TYR E 326 -37.16 1.83 -24.93
CA TYR E 326 -37.29 3.15 -25.55
C TYR E 326 -36.77 4.25 -24.64
N ILE E 327 -37.07 4.18 -23.35
CA ILE E 327 -36.56 5.17 -22.40
C ILE E 327 -35.04 5.07 -22.30
N PRO E 328 -34.49 3.88 -22.05
CA PRO E 328 -33.03 3.75 -22.08
C PRO E 328 -32.44 4.08 -23.43
N LEU E 329 -33.13 3.75 -24.52
CA LEU E 329 -32.64 4.12 -25.85
C LEU E 329 -32.48 5.63 -25.96
N LEU E 330 -33.52 6.37 -25.57
CA LEU E 330 -33.48 7.82 -25.67
C LEU E 330 -32.39 8.40 -24.78
N LEU E 331 -32.28 7.89 -23.55
CA LEU E 331 -31.29 8.45 -22.63
C LEU E 331 -29.88 8.15 -23.11
N MET E 332 -29.65 6.95 -23.65
CA MET E 332 -28.34 6.63 -24.21
C MET E 332 -28.03 7.52 -25.40
N LEU E 333 -29.01 7.73 -26.28
CA LEU E 333 -28.77 8.61 -27.44
C LEU E 333 -28.41 10.01 -26.99
N VAL E 334 -29.15 10.55 -26.03
CA VAL E 334 -28.88 11.91 -25.55
C VAL E 334 -27.50 11.99 -24.92
N LEU E 335 -27.20 11.07 -24.00
CA LEU E 335 -25.94 11.13 -23.27
C LEU E 335 -24.76 10.97 -24.21
N TYR E 336 -24.84 10.06 -25.17
CA TYR E 336 -23.74 9.87 -26.10
C TYR E 336 -23.66 10.98 -27.14
N GLY E 337 -24.76 11.66 -27.44
CA GLY E 337 -24.66 12.87 -28.24
C GLY E 337 -23.92 13.98 -27.51
N ARG E 338 -24.20 14.16 -26.22
CA ARG E 338 -23.45 15.13 -25.44
C ARG E 338 -21.98 14.74 -25.33
N ILE E 339 -21.70 13.45 -25.17
CA ILE E 339 -20.31 12.99 -25.13
C ILE E 339 -19.64 13.24 -26.47
N PHE E 340 -20.35 13.03 -27.57
CA PHE E 340 -19.81 13.32 -28.88
C PHE E 340 -19.46 14.80 -29.02
N ARG E 341 -20.36 15.67 -28.58
CA ARG E 341 -20.09 17.10 -28.64
C ARG E 341 -18.87 17.46 -27.80
N ALA E 342 -18.77 16.91 -26.59
CA ALA E 342 -17.64 17.20 -25.72
C ALA E 342 -16.33 16.73 -26.35
N ALA E 343 -16.31 15.51 -26.89
CA ALA E 343 -15.10 14.99 -27.50
C ALA E 343 -14.71 15.80 -28.72
N ARG E 344 -15.69 16.21 -29.52
CA ARG E 344 -15.40 17.04 -30.69
C ARG E 344 -14.82 18.38 -30.25
N PHE E 345 -15.38 18.99 -29.20
CA PHE E 345 -14.88 20.26 -28.71
C PHE E 345 -13.45 20.13 -28.22
N ARG E 346 -13.16 19.05 -27.50
CA ARG E 346 -11.80 18.85 -27.01
C ARG E 346 -10.82 18.57 -28.14
N ILE E 347 -11.25 17.86 -29.18
CA ILE E 347 -10.36 17.54 -30.28
C ILE E 347 -10.05 18.78 -31.10
N ARG E 348 -11.07 19.59 -31.42
CA ARG E 348 -10.87 20.77 -32.24
C ARG E 348 -10.20 21.91 -31.50
N LYS E 349 -10.20 21.91 -30.18
CA LYS E 349 -9.60 22.99 -29.42
C LYS E 349 -8.09 23.00 -29.59
N LYS E 445 7.73 27.74 -41.53
CA LYS E 445 8.28 26.39 -41.44
C LYS E 445 7.50 25.55 -40.42
N ASN E 446 6.57 26.18 -39.71
CA ASN E 446 5.74 25.48 -38.75
C ASN E 446 4.51 24.84 -39.40
N GLU E 447 4.29 25.05 -40.70
CA GLU E 447 3.12 24.49 -41.35
C GLU E 447 3.13 22.96 -41.31
N ARG E 448 4.32 22.36 -41.27
CA ARG E 448 4.39 20.90 -41.16
C ARG E 448 3.78 20.43 -39.85
N ASN E 449 4.08 21.13 -38.75
CA ASN E 449 3.48 20.78 -37.46
C ASN E 449 1.98 21.01 -37.47
N ALA E 450 1.51 22.06 -38.14
CA ALA E 450 0.07 22.29 -38.24
C ALA E 450 -0.60 21.16 -39.01
N GLU E 451 0.03 20.70 -40.09
CA GLU E 451 -0.52 19.57 -40.84
C GLU E 451 -0.56 18.31 -39.99
N ALA E 452 0.50 18.07 -39.21
CA ALA E 452 0.51 16.91 -38.33
C ALA E 452 -0.59 17.00 -37.30
N LYS E 453 -0.80 18.19 -36.73
CA LYS E 453 -1.86 18.38 -35.75
C LYS E 453 -3.23 18.12 -36.38
N ARG E 454 -3.44 18.61 -37.60
CA ARG E 454 -4.71 18.39 -38.28
C ARG E 454 -4.93 16.91 -38.54
N LYS E 455 -3.88 16.20 -38.97
CA LYS E 455 -4.01 14.76 -39.21
C LYS E 455 -4.36 14.03 -37.93
N MET E 456 -3.70 14.38 -36.82
CA MET E 456 -3.99 13.75 -35.54
C MET E 456 -5.43 14.02 -35.10
N ALA E 457 -5.88 15.27 -35.27
CA ALA E 457 -7.25 15.60 -34.87
C ALA E 457 -8.27 14.82 -35.71
N LEU E 458 -8.01 14.71 -37.02
CA LEU E 458 -8.93 13.94 -37.85
C LEU E 458 -8.94 12.47 -37.46
N ALA E 459 -7.76 11.91 -37.14
CA ALA E 459 -7.72 10.53 -36.70
C ALA E 459 -8.52 10.33 -35.42
N ARG E 460 -8.38 11.27 -34.48
CA ARG E 460 -9.13 11.16 -33.23
C ARG E 460 -10.62 11.32 -33.45
N GLU E 461 -11.04 12.20 -34.36
CA GLU E 461 -12.46 12.33 -34.66
C GLU E 461 -13.01 11.05 -35.29
N ARG E 462 -12.24 10.44 -36.19
CA ARG E 462 -12.66 9.17 -36.77
C ARG E 462 -12.77 8.10 -35.71
N LYS E 463 -11.84 8.08 -34.74
CA LYS E 463 -11.93 7.13 -33.64
C LYS E 463 -13.18 7.36 -32.82
N THR E 464 -13.50 8.62 -32.51
CA THR E 464 -14.71 8.92 -31.75
C THR E 464 -15.94 8.42 -32.49
N VAL E 465 -16.03 8.73 -33.79
CA VAL E 465 -17.19 8.31 -34.57
C VAL E 465 -17.29 6.79 -34.60
N LYS E 466 -16.17 6.11 -34.80
CA LYS E 466 -16.19 4.66 -34.86
C LYS E 466 -16.65 4.05 -33.55
N THR E 467 -16.16 4.58 -32.42
CA THR E 467 -16.53 4.02 -31.12
C THR E 467 -18.01 4.22 -30.84
N LEU E 468 -18.50 5.45 -31.01
CA LEU E 468 -19.91 5.70 -30.79
C LEU E 468 -20.78 4.88 -31.75
N GLY E 469 -20.33 4.75 -33.00
CA GLY E 469 -21.06 3.91 -33.93
C GLY E 469 -21.14 2.47 -33.47
N ILE E 470 -20.01 1.91 -33.04
CA ILE E 470 -20.01 0.53 -32.58
C ILE E 470 -21.01 0.36 -31.43
N ILE E 471 -20.91 1.21 -30.42
CA ILE E 471 -21.77 1.08 -29.25
C ILE E 471 -23.23 1.17 -29.66
N MET E 472 -23.63 2.32 -30.23
CA MET E 472 -25.04 2.56 -30.52
C MET E 472 -25.58 1.58 -31.55
N GLY E 473 -24.78 1.27 -32.57
CA GLY E 473 -25.24 0.36 -33.61
C GLY E 473 -25.44 -1.05 -33.10
N THR E 474 -24.55 -1.53 -32.24
CA THR E 474 -24.78 -2.84 -31.63
C THR E 474 -26.06 -2.82 -30.82
N PHE E 475 -26.24 -1.78 -29.99
CA PHE E 475 -27.45 -1.69 -29.19
C PHE E 475 -28.70 -1.75 -30.07
N ILE E 476 -28.74 -0.91 -31.10
CA ILE E 476 -29.91 -0.79 -31.98
C ILE E 476 -30.13 -2.09 -32.74
N LEU E 477 -29.10 -2.63 -33.37
CA LEU E 477 -29.28 -3.83 -34.16
C LEU E 477 -29.75 -4.99 -33.30
N CYS E 478 -29.22 -5.12 -32.09
CA CYS E 478 -29.61 -6.24 -31.24
C CYS E 478 -31.04 -6.09 -30.73
N TRP E 479 -31.40 -4.91 -30.21
CA TRP E 479 -32.63 -4.80 -29.45
C TRP E 479 -33.79 -4.12 -30.20
N LEU E 480 -33.50 -3.17 -31.09
CA LEU E 480 -34.58 -2.41 -31.71
C LEU E 480 -35.58 -3.28 -32.46
N PRO E 481 -35.17 -4.20 -33.33
CA PRO E 481 -36.17 -5.01 -34.04
C PRO E 481 -37.09 -5.76 -33.10
N PHE E 482 -36.54 -6.33 -32.02
CA PHE E 482 -37.36 -7.09 -31.08
C PHE E 482 -38.40 -6.21 -30.43
N PHE E 483 -38.01 -5.00 -30.01
CA PHE E 483 -38.95 -4.16 -29.28
C PHE E 483 -39.93 -3.47 -30.21
N ILE E 484 -39.53 -3.17 -31.44
CA ILE E 484 -40.51 -2.73 -32.44
C ILE E 484 -41.57 -3.80 -32.66
N VAL E 485 -41.12 -5.05 -32.83
CA VAL E 485 -42.05 -6.14 -33.04
C VAL E 485 -42.95 -6.31 -31.82
N ALA E 486 -42.38 -6.21 -30.63
CA ALA E 486 -43.16 -6.36 -29.41
C ALA E 486 -44.20 -5.26 -29.27
N LEU E 487 -43.86 -4.04 -29.69
CA LEU E 487 -44.80 -2.93 -29.56
C LEU E 487 -45.92 -3.02 -30.58
N VAL E 488 -45.60 -3.37 -31.82
CA VAL E 488 -46.60 -3.29 -32.88
C VAL E 488 -47.48 -4.54 -32.93
N LEU E 489 -46.93 -5.71 -32.60
CA LEU E 489 -47.69 -6.95 -32.79
C LEU E 489 -48.97 -6.98 -31.98
N PRO E 490 -48.95 -6.77 -30.66
CA PRO E 490 -50.21 -6.87 -29.89
C PRO E 490 -51.30 -5.93 -30.40
N PHE E 491 -50.92 -4.75 -30.89
CA PHE E 491 -51.91 -3.79 -31.36
C PHE E 491 -52.45 -4.15 -32.73
N CYS E 492 -51.74 -4.98 -33.49
CA CYS E 492 -52.13 -5.32 -34.85
C CYS E 492 -51.92 -6.81 -35.13
N GLU E 493 -52.32 -7.66 -34.17
CA GLU E 493 -52.21 -9.10 -34.40
C GLU E 493 -53.15 -9.56 -35.50
N SER E 494 -54.27 -8.86 -35.70
CA SER E 494 -55.24 -9.28 -36.71
C SER E 494 -54.65 -9.29 -38.11
N SER E 495 -53.59 -8.52 -38.36
CA SER E 495 -52.98 -8.44 -39.68
C SER E 495 -51.48 -8.71 -39.69
N CYS E 496 -50.78 -8.57 -38.57
CA CYS E 496 -49.34 -8.78 -38.52
C CYS E 496 -49.05 -10.27 -38.28
N HIS E 497 -49.30 -11.06 -39.31
CA HIS E 497 -49.06 -12.50 -39.28
C HIS E 497 -47.63 -12.80 -39.74
N MET E 498 -46.67 -12.30 -38.97
CA MET E 498 -45.27 -12.46 -39.34
C MET E 498 -44.85 -13.92 -39.18
N PRO E 499 -43.90 -14.39 -39.99
CA PRO E 499 -43.49 -15.80 -39.91
C PRO E 499 -42.78 -16.10 -38.60
N THR E 500 -42.85 -17.37 -38.20
CA THR E 500 -42.17 -17.80 -36.98
C THR E 500 -40.66 -17.72 -37.14
N LEU E 501 -40.16 -17.94 -38.36
CA LEU E 501 -38.72 -17.86 -38.59
C LEU E 501 -38.19 -16.47 -38.28
N LEU E 502 -38.84 -15.44 -38.80
CA LEU E 502 -38.39 -14.07 -38.56
C LEU E 502 -38.51 -13.72 -37.09
N GLY E 503 -39.60 -14.14 -36.45
CA GLY E 503 -39.74 -13.89 -35.02
C GLY E 503 -38.64 -14.51 -34.20
N ALA E 504 -38.28 -15.77 -34.52
CA ALA E 504 -37.19 -16.43 -33.81
C ALA E 504 -35.87 -15.72 -34.06
N ILE E 505 -35.62 -15.32 -35.30
CA ILE E 505 -34.38 -14.62 -35.61
C ILE E 505 -34.28 -13.32 -34.82
N ILE E 506 -35.38 -12.57 -34.75
CA ILE E 506 -35.40 -11.31 -34.02
C ILE E 506 -35.19 -11.57 -32.52
N ASN E 507 -35.88 -12.57 -31.99
CA ASN E 507 -35.77 -12.88 -30.56
C ASN E 507 -34.35 -13.26 -30.20
N TRP E 508 -33.67 -14.02 -31.06
CA TRP E 508 -32.30 -14.42 -30.76
C TRP E 508 -31.32 -13.31 -31.09
N LEU E 509 -31.70 -12.34 -31.91
CA LEU E 509 -30.92 -11.10 -32.00
C LEU E 509 -30.96 -10.36 -30.68
N GLY E 510 -32.14 -10.33 -30.03
CA GLY E 510 -32.21 -9.73 -28.71
C GLY E 510 -31.32 -10.43 -27.70
N TYR E 511 -31.37 -11.76 -27.69
CA TYR E 511 -30.58 -12.53 -26.73
C TYR E 511 -29.08 -12.37 -26.99
N SER E 512 -28.70 -12.21 -28.26
CA SER E 512 -27.29 -12.16 -28.63
C SER E 512 -26.55 -10.99 -28.01
N ASN E 513 -27.27 -9.96 -27.54
CA ASN E 513 -26.59 -8.81 -26.93
C ASN E 513 -25.73 -9.24 -25.76
N SER E 514 -26.07 -10.35 -25.11
CA SER E 514 -25.25 -10.85 -24.00
C SER E 514 -23.86 -11.24 -24.48
N LEU E 515 -23.76 -11.77 -25.70
CA LEU E 515 -22.46 -12.10 -26.26
C LEU E 515 -21.68 -10.84 -26.62
N LEU E 516 -22.35 -9.87 -27.25
CA LEU E 516 -21.65 -8.71 -27.79
C LEU E 516 -21.26 -7.72 -26.70
N ASN E 517 -22.01 -7.66 -25.60
CA ASN E 517 -21.70 -6.69 -24.55
C ASN E 517 -20.28 -6.84 -24.04
N PRO E 518 -19.82 -8.03 -23.62
CA PRO E 518 -18.40 -8.14 -23.24
C PRO E 518 -17.46 -7.79 -24.38
N VAL E 519 -17.78 -8.19 -25.62
CA VAL E 519 -16.90 -7.90 -26.74
C VAL E 519 -16.66 -6.41 -26.85
N ILE E 520 -17.70 -5.61 -26.67
CA ILE E 520 -17.57 -4.17 -26.82
C ILE E 520 -16.89 -3.56 -25.60
N TYR E 521 -17.28 -3.97 -24.40
CA TYR E 521 -16.92 -3.21 -23.21
C TYR E 521 -15.67 -3.71 -22.50
N ALA E 522 -15.27 -4.96 -22.71
CA ALA E 522 -14.08 -5.51 -22.06
C ALA E 522 -13.01 -5.92 -23.07
N TYR E 523 -13.35 -6.77 -24.04
CA TYR E 523 -12.33 -7.27 -24.95
C TYR E 523 -11.81 -6.18 -25.87
N PHE E 524 -12.65 -5.22 -26.23
CA PHE E 524 -12.16 -4.06 -26.98
C PHE E 524 -11.43 -3.09 -26.08
N ASN E 525 -11.64 -3.17 -24.78
CA ASN E 525 -10.95 -2.29 -23.84
C ASN E 525 -9.48 -2.69 -23.76
N LYS E 526 -8.59 -1.70 -23.88
CA LYS E 526 -7.16 -1.97 -23.88
C LYS E 526 -6.72 -2.57 -22.55
N ASP E 527 -7.21 -2.02 -21.44
CA ASP E 527 -6.82 -2.52 -20.13
C ASP E 527 -7.23 -3.98 -19.96
N PHE E 528 -8.46 -4.32 -20.35
CA PHE E 528 -8.93 -5.69 -20.19
C PHE E 528 -8.11 -6.66 -21.02
N GLN E 529 -7.80 -6.30 -22.27
CA GLN E 529 -7.06 -7.23 -23.11
C GLN E 529 -5.61 -7.37 -22.64
N ASN E 530 -5.03 -6.28 -22.14
CA ASN E 530 -3.70 -6.38 -21.52
C ASN E 530 -3.74 -7.31 -20.31
N ALA E 531 -4.80 -7.20 -19.50
CA ALA E 531 -4.95 -8.10 -18.36
C ALA E 531 -5.09 -9.55 -18.81
N PHE E 532 -5.85 -9.77 -19.89
CA PHE E 532 -6.03 -11.13 -20.40
C PHE E 532 -4.71 -11.70 -20.88
N LYS E 533 -3.92 -10.89 -21.60
CA LYS E 533 -2.61 -11.36 -22.02
C LYS E 533 -1.72 -11.66 -20.83
N LYS E 534 -1.77 -10.81 -19.80
CA LYS E 534 -0.96 -11.04 -18.61
C LYS E 534 -1.35 -12.35 -17.91
N ILE E 535 -2.66 -12.60 -17.78
CA ILE E 535 -3.11 -13.81 -17.11
C ILE E 535 -2.68 -15.04 -17.90
N ILE E 536 -2.86 -15.02 -19.21
CA ILE E 536 -2.51 -16.15 -20.06
C ILE E 536 -1.01 -16.14 -20.34
C1 CLR F . -33.70 -19.33 -36.32
C2 CLR F . -34.83 -20.29 -36.67
C3 CLR F . -34.31 -21.57 -37.28
C4 CLR F . -33.29 -22.20 -36.35
C5 CLR F . -32.16 -21.25 -36.03
C6 CLR F . -30.89 -21.64 -36.14
C7 CLR F . -29.70 -20.79 -35.84
C8 CLR F . -30.03 -19.52 -35.06
C9 CLR F . -31.36 -18.91 -35.51
C10 CLR F . -32.56 -19.91 -35.45
C11 CLR F . -31.62 -17.59 -34.78
C12 CLR F . -30.48 -16.58 -34.91
C13 CLR F . -29.12 -17.17 -34.50
C14 CLR F . -28.95 -18.47 -35.30
C15 CLR F . -27.50 -18.86 -35.09
C16 CLR F . -26.77 -17.51 -35.04
C17 CLR F . -27.87 -16.41 -35.00
C18 CLR F . -29.05 -17.39 -32.99
C19 CLR F . -33.05 -20.14 -34.01
C20 CLR F . -27.39 -15.14 -34.29
C21 CLR F . -28.51 -14.13 -34.03
C22 CLR F . -26.25 -14.51 -35.11
C23 CLR F . -25.88 -13.07 -34.81
C24 CLR F . -25.38 -12.87 -33.37
C25 CLR F . -23.93 -13.28 -33.12
C26 CLR F . -23.63 -13.23 -31.62
C27 CLR F . -22.94 -12.40 -33.88
O1 CLR F . -35.41 -22.43 -37.50
C1 CLR G . -17.82 1.60 -39.43
C2 CLR G . -16.92 2.83 -39.61
C3 CLR G . -17.76 4.08 -39.75
C4 CLR G . -18.68 4.23 -38.53
C5 CLR G . -19.51 2.99 -38.29
C6 CLR G . -20.83 3.06 -38.22
C7 CLR G . -21.74 1.94 -37.87
C8 CLR G . -20.97 0.73 -37.37
C9 CLR G . -19.75 0.48 -38.27
C10 CLR G . -18.76 1.67 -38.22
C11 CLR G . -19.11 -0.89 -38.02
C12 CLR G . -20.11 -2.06 -37.91
C13 CLR G . -21.19 -1.79 -36.86
C14 CLR G . -21.87 -0.50 -37.35
C15 CLR G . -23.15 -0.41 -36.55
C16 CLR G . -23.61 -1.88 -36.44
C17 CLR G . -22.39 -2.78 -36.81
C18 CLR G . -20.58 -1.65 -35.47
C19 CLR G . -17.92 1.66 -36.93
C20 CLR G . -22.33 -4.01 -35.90
C21 CLR G . -21.19 -4.97 -36.27
C22 CLR G . -23.67 -4.75 -35.90
C23 CLR G . -23.63 -6.20 -35.44
C24 CLR G . -24.99 -6.72 -35.00
C25 CLR G . -25.05 -8.23 -34.73
C26 CLR G . -26.16 -8.56 -33.73
C27 CLR G . -25.22 -9.05 -36.00
O1 CLR G . -16.90 5.19 -39.87
C1 CLR H . -17.21 -10.78 -4.27
C2 CLR H . -16.18 -9.89 -3.60
C3 CLR H . -14.81 -10.55 -3.58
C4 CLR H . -14.39 -10.94 -5.00
C5 CLR H . -15.45 -11.75 -5.72
C6 CLR H . -15.12 -12.86 -6.35
C7 CLR H . -16.04 -13.68 -7.19
C8 CLR H . -17.36 -12.95 -7.48
C9 CLR H . -17.85 -12.25 -6.22
C10 CLR H . -16.85 -11.17 -5.73
C11 CLR H . -19.29 -11.73 -6.39
C12 CLR H . -20.28 -12.77 -6.92
C13 CLR H . -19.80 -13.38 -8.24
C14 CLR H . -18.41 -13.96 -7.96
C15 CLR H . -18.08 -14.79 -9.19
C16 CLR H . -19.46 -15.35 -9.62
C17 CLR H . -20.52 -14.66 -8.73
C18 CLR H . -19.79 -12.32 -9.36
C19 CLR H . -16.85 -9.91 -6.61
C20 CLR H . -21.89 -14.55 -9.44
C21 CLR H . -22.87 -13.63 -8.73
C22 CLR H . -22.49 -15.95 -9.59
C23 CLR H . -23.52 -16.11 -10.72
C24 CLR H . -23.87 -17.58 -10.95
C25 CLR H . -24.89 -17.86 -12.06
C26 CLR H . -26.27 -17.38 -11.63
C27 CLR H . -24.51 -17.22 -13.39
O1 CLR H . -13.88 -9.66 -2.99
C1 CLR I . -25.47 -7.45 -7.59
C2 CLR I . -26.48 -8.59 -7.61
C3 CLR I . -26.21 -9.52 -8.78
C4 CLR I . -24.76 -10.01 -8.74
C5 CLR I . -23.75 -8.89 -8.62
C6 CLR I . -22.59 -8.97 -9.26
C7 CLR I . -21.54 -7.91 -9.20
C8 CLR I . -21.62 -7.09 -7.91
C9 CLR I . -23.07 -6.67 -7.67
C10 CLR I . -24.00 -7.90 -7.50
C11 CLR I . -23.20 -5.64 -6.54
C12 CLR I . -22.16 -4.51 -6.56
C13 CLR I . -20.73 -5.03 -6.70
C14 CLR I . -20.75 -5.85 -8.00
C15 CLR I . -19.29 -6.00 -8.43
C16 CLR I . -18.55 -4.87 -7.69
C17 CLR I . -19.65 -3.98 -7.04
C18 CLR I . -20.32 -5.85 -5.47
C19 CLR I . -23.77 -8.63 -6.17
C20 CLR I . -19.18 -3.02 -5.92
C21 CLR I . -19.31 -1.55 -6.34
C22 CLR I . -17.75 -3.30 -5.45
C23 CLR I . -17.24 -2.41 -4.32
C24 CLR I . -15.92 -2.92 -3.75
C25 CLR I . -15.21 -1.98 -2.77
C26 CLR I . -14.08 -1.23 -3.49
C27 CLR I . -16.15 -0.99 -2.10
O1 CLR I . -27.13 -10.59 -8.71
C1 CLR J . -14.33 -10.85 -34.51
C2 CLR J . -13.52 -9.58 -34.80
C3 CLR J . -14.44 -8.39 -34.99
C4 CLR J . -15.28 -8.20 -33.73
C5 CLR J . -16.06 -9.45 -33.39
C6 CLR J . -17.36 -9.37 -33.15
C7 CLR J . -18.23 -10.52 -32.74
C8 CLR J . -17.45 -11.77 -32.37
C9 CLR J . -16.26 -11.94 -33.32
C10 CLR J . -15.27 -10.74 -33.29
C11 CLR J . -15.59 -13.31 -33.10
C12 CLR J . -16.55 -14.50 -33.13
C13 CLR J . -17.69 -14.33 -32.13
C14 CLR J . -18.35 -12.98 -32.47
C15 CLR J . -19.64 -12.99 -31.66
C16 CLR J . -20.11 -14.45 -31.78
C17 CLR J . -18.91 -15.28 -32.31
C18 CLR J . -17.17 -14.40 -30.70
C19 CLR J . -14.44 -10.71 -32.00
C20 CLR J . -18.88 -16.69 -31.69
C21 CLR J . -17.69 -17.52 -32.15
C22 CLR J . -20.19 -17.44 -31.97
C23 CLR J . -20.58 -17.61 -33.43
C24 CLR J . -21.71 -18.61 -33.60
C25 CLR J . -22.98 -18.33 -32.81
C26 CLR J . -23.48 -16.92 -33.07
C27 CLR J . -24.08 -19.35 -33.09
O1 CLR J . -13.65 -7.25 -35.28
C1 PLM K . -7.02 -12.11 -4.70
O1 PLM K . -7.19 -10.89 -4.95
O2 PLM K . -6.59 -12.65 -3.64
C2 PLM K . -7.38 -13.08 -5.89
C3 PLM K . -8.80 -13.66 -5.85
C4 PLM K . -9.22 -14.38 -7.15
C5 PLM K . -10.67 -14.88 -7.14
C6 PLM K . -11.15 -15.47 -8.47
C7 PLM K . -12.67 -15.70 -8.53
C8 PLM K . -13.15 -16.23 -9.89
C9 PLM K . -14.68 -16.24 -10.05
CA PLM K . -15.15 -16.72 -11.42
CB PLM K . -16.68 -16.88 -11.54
CC PLM K . -17.13 -17.62 -12.81
CD PLM K . -18.56 -18.17 -12.72
CE PLM K . -18.92 -19.10 -13.89
CF PLM K . -20.26 -19.81 -13.72
CG PLM K . -20.62 -20.73 -14.91
C1 UJL L . -35.50 -11.41 -25.58
C2 UJL L . -36.35 -10.05 -23.82
C3 UJL L . -37.60 -10.03 -22.93
C4 UJL L . -39.93 -10.46 -23.00
C5 UJL L . -40.24 -8.99 -23.00
C6 UJL L . -39.18 -8.10 -22.49
C7 UJL L . -39.18 -6.61 -21.93
C8 UJL L . -37.84 -6.28 -21.58
C9 UJL L . -37.88 -8.59 -22.47
N1 UJL L . -36.21 -11.40 -24.32
O1 UJL L . -38.64 -10.71 -23.62
S1 UJL L . -36.97 -7.48 -21.91
#